data_3TTC
#
_entry.id   3TTC
#
_cell.length_a   46.360
_cell.length_b   77.913
_cell.length_c   200.488
_cell.angle_alpha   90.00
_cell.angle_beta   90.00
_cell.angle_gamma   90.00
#
_symmetry.space_group_name_H-M   'P 21 21 21'
#
loop_
_entity.id
_entity.type
_entity.pdbx_description
1 polymer 'Transcriptional regulatory protein'
2 non-polymer 'ZINC ION'
3 non-polymer 'MAGNESIUM ION'
4 non-polymer "ADENOSINE-5'-DIPHOSPHATE"
5 water water
#
_entity_poly.entity_id   1
_entity_poly.type   'polypeptide(L)'
_entity_poly.pdbx_seq_one_letter_code
;GSQSAGGAMNTQIVPDAATCPACLAEMNTPGERRYRYPFINCTHCGPRFTIIRAMPYDRPFTVMAAFPLCPACDKEYRDP
LDRRFHAQPVACPECGPYLEWVSHGEHAEQEAALQAAIAQLKMGNIVAIKGIGGFHLACDARNSNAVATLRARKHRPAKP
LAVMLPVADGLPDAARQLLTTPAAPIVLVDKKYVPELCDDIAPGLNEVGVMLPANPLQHLLLQELQCPLVMTSGNLSGKP
PAISNEQALEDLQGIADGFLIHNRDIVQRMDDSVVRESGEMLRRSRGYVPDALALPPGFKNVPPVLCLGADLKNTFCLVR
GEQVVLSQHLGDLSDDGIQTQWREALRLMQNIYNFTPQYVVHDAHPGYVSCQWASEMNLPTQTVLHHHAHAAACLAEHQW
PLDGGDVIALTLDGIGMGENGALWGGECLRVNYRECEHLGGLPAVALPGGDLAAKQPWRNLLAQCLRFVPEWQNYPETAS
VAAANWSVLARAIERGINAPLASSCGRLFDAVAAALGCAPATLSYEGEAACALEALAASCDGVTHPVTMPRVDNQLDLAT
FWQQWLNWQAPVNQRAWAFHDALAQGFAALMREQATMRGITTLVFSGGVIHNRLLRARLAHYLADFTLLFPQSLPAGDGG
LSLGQGVIAAARWLAGE
;
_entity_poly.pdbx_strand_id   A
#
loop_
_chem_comp.id
_chem_comp.type
_chem_comp.name
_chem_comp.formula
ADP non-polymer ADENOSINE-5'-DIPHOSPHATE 'C10 H15 N5 O10 P2'
MG non-polymer 'MAGNESIUM ION' 'Mg 2'
ZN non-polymer 'ZINC ION' 'Zn 2'
#
# COMPACT_ATOMS: atom_id res chain seq x y z
N GLN A 12 9.97 -21.95 13.83
CA GLN A 12 9.18 -21.03 12.96
C GLN A 12 9.99 -19.78 12.65
N ILE A 13 9.81 -19.21 11.47
CA ILE A 13 10.49 -17.94 11.25
C ILE A 13 9.53 -16.77 11.45
N VAL A 14 9.95 -15.87 12.32
CA VAL A 14 9.16 -14.70 12.67
C VAL A 14 9.53 -13.57 11.69
N PRO A 15 8.69 -12.55 11.59
CA PRO A 15 9.04 -11.41 10.71
C PRO A 15 10.31 -10.67 11.16
N ASP A 16 10.92 -9.89 10.26
CA ASP A 16 12.02 -8.99 10.62
C ASP A 16 11.54 -8.12 11.79
N ALA A 17 12.35 -8.01 12.85
CA ALA A 17 11.91 -7.39 14.11
C ALA A 17 12.79 -6.22 14.50
N ALA A 18 12.16 -5.14 14.93
CA ALA A 18 12.88 -3.96 15.44
C ALA A 18 13.90 -4.32 16.52
N THR A 19 15.08 -3.69 16.50
CA THR A 19 16.08 -3.84 17.59
C THR A 19 15.39 -3.71 18.97
N CYS A 20 15.66 -4.67 19.85
CA CYS A 20 14.97 -4.74 21.17
C CYS A 20 15.64 -3.80 22.16
N PRO A 21 14.94 -3.44 23.25
CA PRO A 21 15.55 -2.55 24.28
C PRO A 21 16.92 -3.02 24.80
N ALA A 22 17.06 -4.33 25.00
CA ALA A 22 18.30 -4.90 25.52
C ALA A 22 19.47 -4.72 24.54
N CYS A 23 19.22 -4.90 23.25
CA CYS A 23 20.29 -4.70 22.27
C CYS A 23 20.62 -3.21 22.15
N LEU A 24 19.60 -2.38 22.16
CA LEU A 24 19.81 -0.93 22.17
C LEU A 24 20.67 -0.50 23.39
N ALA A 25 20.32 -0.99 24.56
CA ALA A 25 21.08 -0.72 25.79
C ALA A 25 22.54 -1.14 25.62
N GLU A 26 22.75 -2.35 25.12
CA GLU A 26 24.10 -2.89 24.85
C GLU A 26 24.89 -2.01 23.88
N MET A 27 24.26 -1.64 22.76
CA MET A 27 24.92 -0.78 21.77
C MET A 27 25.29 0.60 22.34
N ASN A 28 24.55 1.06 23.33
CA ASN A 28 24.77 2.41 23.88
C ASN A 28 25.64 2.44 25.15
N THR A 29 26.20 1.30 25.53
CA THR A 29 26.97 1.18 26.77
C THR A 29 28.45 1.15 26.44
N PRO A 30 29.18 2.26 26.71
CA PRO A 30 30.62 2.27 26.44
C PRO A 30 31.29 1.13 27.19
N GLY A 31 32.26 0.49 26.54
CA GLY A 31 32.94 -0.63 27.14
C GLY A 31 32.38 -1.98 26.73
N GLU A 32 31.12 -2.01 26.27
CA GLU A 32 30.60 -3.25 25.67
C GLU A 32 31.34 -3.54 24.37
N ARG A 33 31.59 -4.83 24.09
CA ARG A 33 32.19 -5.25 22.81
C ARG A 33 31.38 -4.73 21.61
N ARG A 34 30.06 -4.65 21.78
CA ARG A 34 29.18 -4.20 20.71
C ARG A 34 28.81 -2.72 20.82
N TYR A 35 29.59 -1.95 21.57
CA TYR A 35 29.35 -0.51 21.66
C TYR A 35 29.32 0.12 20.27
N ARG A 36 28.19 0.79 19.96
CA ARG A 36 28.00 1.48 18.68
C ARG A 36 28.17 0.59 17.46
N TYR A 37 28.02 -0.72 17.65
CA TYR A 37 28.06 -1.66 16.53
C TYR A 37 26.70 -1.71 15.82
N PRO A 38 26.65 -1.29 14.53
CA PRO A 38 25.39 -1.13 13.79
C PRO A 38 24.66 -2.42 13.34
N PHE A 39 25.17 -3.59 13.68
CA PHE A 39 24.55 -4.87 13.27
C PHE A 39 24.20 -5.77 14.45
N ILE A 40 24.18 -5.18 15.64
CA ILE A 40 23.81 -5.90 16.85
C ILE A 40 22.39 -6.50 16.72
N ASN A 41 22.24 -7.75 17.16
CA ASN A 41 20.93 -8.40 17.23
C ASN A 41 20.97 -9.51 18.26
N CYS A 42 19.81 -10.06 18.61
CA CYS A 42 19.78 -11.16 19.58
C CYS A 42 18.68 -12.14 19.19
N THR A 43 18.37 -13.11 20.06
CA THR A 43 17.33 -14.07 19.68
C THR A 43 15.95 -13.41 19.48
N HIS A 44 15.75 -12.25 20.11
CA HIS A 44 14.45 -11.57 20.06
C HIS A 44 14.29 -10.50 18.97
N CYS A 45 15.37 -10.12 18.31
CA CYS A 45 15.27 -9.03 17.35
C CYS A 45 16.20 -9.18 16.16
N GLY A 46 16.01 -8.32 15.15
CA GLY A 46 16.90 -8.26 14.00
C GLY A 46 16.30 -8.83 12.72
N PRO A 47 17.09 -8.87 11.64
CA PRO A 47 16.54 -9.35 10.36
C PRO A 47 16.27 -10.84 10.42
N ARG A 48 15.28 -11.28 9.65
CA ARG A 48 14.92 -12.70 9.60
C ARG A 48 14.68 -13.09 8.13
N PHE A 49 13.45 -12.89 7.65
CA PHE A 49 13.10 -13.17 6.26
C PHE A 49 14.11 -12.57 5.24
N THR A 50 14.60 -11.36 5.51
CA THR A 50 15.48 -10.62 4.57
C THR A 50 16.93 -11.15 4.50
N ILE A 51 17.30 -12.03 5.42
CA ILE A 51 18.64 -12.62 5.44
C ILE A 51 18.69 -14.13 5.23
N ILE A 52 17.53 -14.76 4.97
CA ILE A 52 17.46 -16.22 4.84
C ILE A 52 17.58 -16.63 3.37
N ARG A 53 18.54 -17.52 3.07
CA ARG A 53 18.66 -18.09 1.73
C ARG A 53 17.82 -19.36 1.56
N ALA A 54 17.75 -20.17 2.61
CA ALA A 54 16.98 -21.41 2.59
C ALA A 54 16.74 -21.88 4.00
N MET A 55 15.75 -22.77 4.15
CA MET A 55 15.51 -23.44 5.40
C MET A 55 16.50 -24.60 5.55
N PRO A 56 16.77 -25.03 6.80
CA PRO A 56 16.27 -24.50 8.08
C PRO A 56 16.89 -23.16 8.48
N TYR A 57 16.30 -22.46 9.45
CA TYR A 57 16.84 -21.19 9.89
C TYR A 57 18.08 -21.47 10.71
N ASP A 58 19.22 -21.31 10.06
CA ASP A 58 20.50 -21.66 10.65
C ASP A 58 21.53 -20.85 9.90
N ARG A 59 22.52 -20.34 10.64
CA ARG A 59 23.52 -19.41 10.08
C ARG A 59 24.14 -19.79 8.70
N PRO A 60 24.50 -21.08 8.47
CA PRO A 60 25.03 -21.48 7.16
C PRO A 60 24.11 -21.23 5.97
N PHE A 61 22.80 -21.09 6.23
CA PHE A 61 21.84 -20.84 5.16
C PHE A 61 21.26 -19.43 5.23
N THR A 62 22.02 -18.55 5.88
CA THR A 62 21.69 -17.15 5.92
C THR A 62 22.81 -16.42 5.23
N VAL A 63 22.54 -15.16 4.96
CA VAL A 63 23.51 -14.18 4.53
C VAL A 63 24.79 -14.08 5.42
N MET A 64 24.70 -14.56 6.66
CA MET A 64 25.80 -14.38 7.60
C MET A 64 26.82 -15.53 7.59
N ALA A 65 26.63 -16.48 6.68
CA ALA A 65 27.49 -17.66 6.58
C ALA A 65 28.96 -17.30 6.29
N ALA A 66 29.19 -16.14 5.69
CA ALA A 66 30.54 -15.74 5.30
C ALA A 66 31.24 -14.89 6.35
N PHE A 67 30.62 -14.75 7.52
CA PHE A 67 31.24 -14.04 8.62
C PHE A 67 31.40 -15.01 9.80
N PRO A 68 32.45 -15.85 9.79
CA PRO A 68 32.65 -16.77 10.91
C PRO A 68 32.77 -16.02 12.25
N LEU A 69 32.12 -16.55 13.28
CA LEU A 69 32.06 -15.90 14.58
C LEU A 69 33.40 -15.91 15.30
N CYS A 70 33.75 -14.78 15.92
CA CYS A 70 34.91 -14.74 16.83
C CYS A 70 34.59 -15.61 18.06
N PRO A 71 35.61 -15.96 18.88
CA PRO A 71 35.33 -16.80 20.06
C PRO A 71 34.27 -16.24 21.02
N ALA A 72 34.25 -14.93 21.24
CA ALA A 72 33.32 -14.36 22.21
C ALA A 72 31.87 -14.45 21.75
N CYS A 73 31.66 -14.20 20.45
CA CYS A 73 30.34 -14.29 19.85
C CYS A 73 29.89 -15.75 19.82
N ASP A 74 30.83 -16.62 19.51
CA ASP A 74 30.52 -18.04 19.44
C ASP A 74 30.05 -18.60 20.79
N LYS A 75 30.77 -18.23 21.87
CA LYS A 75 30.38 -18.60 23.23
C LYS A 75 28.94 -18.12 23.55
N GLU A 76 28.62 -16.87 23.18
CA GLU A 76 27.29 -16.34 23.46
C GLU A 76 26.23 -17.11 22.65
N TYR A 77 26.54 -17.36 21.38
CA TYR A 77 25.65 -18.08 20.45
C TYR A 77 25.33 -19.50 20.93
N ARG A 78 26.28 -20.12 21.63
CA ARG A 78 26.14 -21.49 22.11
C ARG A 78 25.64 -21.61 23.55
N ASP A 79 25.53 -20.49 24.28
CA ASP A 79 25.15 -20.50 25.70
C ASP A 79 23.64 -20.43 25.83
N PRO A 80 23.00 -21.56 26.22
CA PRO A 80 21.53 -21.61 26.32
C PRO A 80 20.90 -20.53 27.21
N LEU A 81 21.68 -19.94 28.12
CA LEU A 81 21.14 -18.93 29.03
C LEU A 81 21.31 -17.49 28.53
N ASP A 82 21.94 -17.33 27.38
CA ASP A 82 22.35 -16.03 26.88
C ASP A 82 21.27 -15.51 25.90
N ARG A 83 21.06 -14.19 25.90
CA ARG A 83 20.04 -13.57 25.05
C ARG A 83 20.34 -13.75 23.55
N ARG A 84 21.60 -14.01 23.21
CA ARG A 84 22.02 -14.28 21.83
C ARG A 84 22.16 -15.77 21.49
N PHE A 85 21.59 -16.64 22.32
CA PHE A 85 21.60 -18.09 22.05
C PHE A 85 20.92 -18.37 20.72
N HIS A 86 21.67 -19.00 19.80
CA HIS A 86 21.20 -19.32 18.45
C HIS A 86 20.63 -18.09 17.71
N ALA A 87 21.16 -16.91 18.00
CA ALA A 87 20.82 -15.72 17.21
C ALA A 87 21.62 -15.88 15.92
N GLN A 88 20.95 -16.38 14.89
CA GLN A 88 21.65 -16.78 13.66
C GLN A 88 22.49 -15.70 12.97
N PRO A 89 21.99 -14.43 12.90
CA PRO A 89 22.83 -13.41 12.27
C PRO A 89 23.65 -12.54 13.26
N VAL A 90 23.90 -13.07 14.46
CA VAL A 90 24.70 -12.36 15.48
C VAL A 90 26.11 -11.99 15.00
N ALA A 91 26.63 -10.87 15.48
CA ALA A 91 27.96 -10.44 15.14
C ALA A 91 28.49 -9.37 16.10
N CYS A 92 29.79 -9.08 16.02
CA CYS A 92 30.35 -7.93 16.71
C CYS A 92 31.35 -7.24 15.78
N PRO A 93 31.93 -6.10 16.19
CA PRO A 93 32.89 -5.42 15.30
C PRO A 93 34.06 -6.29 14.83
N GLU A 94 34.47 -7.25 15.65
CA GLU A 94 35.63 -8.11 15.32
C GLU A 94 35.33 -9.16 14.26
N CYS A 95 34.08 -9.59 14.14
CA CYS A 95 33.76 -10.67 13.20
C CYS A 95 32.69 -10.38 12.18
N GLY A 96 31.98 -9.26 12.33
CA GLY A 96 30.80 -9.04 11.52
C GLY A 96 30.95 -8.02 10.39
N PRO A 97 29.83 -7.69 9.72
CA PRO A 97 29.78 -6.64 8.71
C PRO A 97 30.17 -5.28 9.26
N TYR A 98 30.46 -4.35 8.37
CA TYR A 98 30.77 -2.98 8.76
C TYR A 98 30.27 -1.97 7.74
N LEU A 99 30.17 -0.72 8.19
CA LEU A 99 29.65 0.36 7.35
C LEU A 99 30.69 0.79 6.34
N GLU A 100 30.20 1.19 5.16
CA GLU A 100 31.01 1.81 4.14
C GLU A 100 30.36 3.12 3.71
N TRP A 101 31.18 4.16 3.55
CA TRP A 101 30.73 5.45 3.08
C TRP A 101 31.41 5.72 1.76
N VAL A 102 30.62 6.14 0.79
CA VAL A 102 31.06 6.43 -0.58
C VAL A 102 30.39 7.72 -1.03
N SER A 103 31.18 8.71 -1.43
CA SER A 103 30.67 9.98 -1.94
C SER A 103 31.66 10.67 -2.88
N HIS A 104 31.39 10.64 -4.18
CA HIS A 104 32.24 11.31 -5.19
C HIS A 104 33.72 11.23 -4.84
N GLY A 105 34.30 10.04 -4.95
CA GLY A 105 35.72 9.84 -4.68
C GLY A 105 36.18 9.88 -3.23
N GLU A 106 35.29 10.22 -2.28
CA GLU A 106 35.59 10.08 -0.84
C GLU A 106 35.16 8.69 -0.37
N HIS A 107 35.89 8.14 0.59
CA HIS A 107 35.60 6.80 1.08
C HIS A 107 35.91 6.73 2.57
N ALA A 108 35.08 6.03 3.34
CA ALA A 108 35.35 5.82 4.76
C ALA A 108 34.72 4.52 5.23
N GLU A 109 35.07 4.11 6.45
CA GLU A 109 34.60 2.85 6.99
C GLU A 109 34.23 2.99 8.45
N GLN A 110 33.38 2.08 8.90
CA GLN A 110 32.97 1.95 10.30
C GLN A 110 32.50 3.27 10.92
N GLU A 111 33.00 3.63 12.10
CA GLU A 111 32.53 4.85 12.77
C GLU A 111 32.74 6.09 11.91
N ALA A 112 33.85 6.16 11.18
CA ALA A 112 34.11 7.28 10.28
C ALA A 112 33.12 7.37 9.11
N ALA A 113 32.60 6.22 8.67
CA ALA A 113 31.54 6.20 7.65
C ALA A 113 30.26 6.79 8.23
N LEU A 114 29.91 6.36 9.43
CA LEU A 114 28.74 6.90 10.09
C LEU A 114 28.86 8.42 10.24
N GLN A 115 30.03 8.88 10.68
CA GLN A 115 30.23 10.31 10.91
C GLN A 115 30.19 11.14 9.62
N ALA A 116 30.69 10.60 8.53
CA ALA A 116 30.59 11.29 7.24
C ALA A 116 29.12 11.47 6.81
N ALA A 117 28.31 10.44 7.00
CA ALA A 117 26.87 10.51 6.68
C ALA A 117 26.15 11.53 7.57
N ILE A 118 26.47 11.51 8.85
CA ILE A 118 25.91 12.49 9.79
C ILE A 118 26.26 13.92 9.37
N ALA A 119 27.53 14.16 9.04
CA ALA A 119 27.96 15.49 8.59
C ALA A 119 27.18 15.95 7.35
N GLN A 120 26.94 15.03 6.41
CA GLN A 120 26.18 15.35 5.21
C GLN A 120 24.73 15.68 5.51
N LEU A 121 24.11 14.90 6.39
CA LEU A 121 22.73 15.19 6.80
C LEU A 121 22.60 16.54 7.48
N LYS A 122 23.53 16.83 8.39
CA LYS A 122 23.50 18.09 9.13
C LYS A 122 23.64 19.29 8.19
N MET A 123 24.37 19.09 7.10
CA MET A 123 24.63 20.19 6.16
C MET A 123 23.52 20.37 5.12
N GLY A 124 22.50 19.50 5.18
CA GLY A 124 21.32 19.60 4.33
C GLY A 124 21.41 18.82 3.03
N ASN A 125 22.34 17.86 2.98
CA ASN A 125 22.51 17.00 1.83
C ASN A 125 21.63 15.76 1.95
N ILE A 126 21.54 15.01 0.84
CA ILE A 126 20.73 13.79 0.74
C ILE A 126 21.64 12.55 0.80
N VAL A 127 21.37 11.63 1.72
CA VAL A 127 22.18 10.40 1.75
C VAL A 127 21.34 9.14 1.63
N ALA A 128 21.83 8.23 0.79
CA ALA A 128 21.23 6.92 0.60
C ALA A 128 21.75 6.03 1.72
N ILE A 129 20.83 5.31 2.38
CA ILE A 129 21.19 4.51 3.57
C ILE A 129 20.66 3.11 3.40
N LYS A 130 21.52 2.11 3.60
CA LYS A 130 21.08 0.74 3.50
C LYS A 130 20.27 0.33 4.73
N GLY A 131 19.12 -0.27 4.48
CA GLY A 131 18.23 -0.67 5.58
C GLY A 131 18.11 -2.19 5.57
N ILE A 132 17.07 -2.69 6.24
CA ILE A 132 16.81 -4.13 6.35
C ILE A 132 16.33 -4.76 5.03
N GLY A 133 15.48 -4.03 4.30
CA GLY A 133 14.77 -4.61 3.15
C GLY A 133 14.93 -3.87 1.85
N GLY A 134 15.94 -2.99 1.82
CA GLY A 134 16.20 -2.12 0.67
C GLY A 134 16.98 -0.89 1.17
N PHE A 135 16.96 0.17 0.38
CA PHE A 135 17.67 1.41 0.71
C PHE A 135 16.69 2.57 0.87
N HIS A 136 17.05 3.54 1.73
CA HIS A 136 16.27 4.76 1.90
C HIS A 136 17.07 5.97 1.42
N LEU A 137 16.36 7.02 1.05
CA LEU A 137 16.96 8.33 0.82
C LEU A 137 16.57 9.18 2.01
N ALA A 138 17.53 9.88 2.60
CA ALA A 138 17.29 10.65 3.81
C ALA A 138 17.80 12.08 3.68
N CYS A 139 17.12 12.99 4.37
CA CYS A 139 17.60 14.36 4.53
C CYS A 139 16.87 14.99 5.71
N ASP A 140 17.34 16.16 6.16
CA ASP A 140 16.72 16.84 7.29
C ASP A 140 15.29 17.24 6.87
N ALA A 141 14.28 16.75 7.59
CA ALA A 141 12.87 16.96 7.19
C ALA A 141 12.35 18.36 7.52
N ARG A 142 13.15 19.10 8.28
CA ARG A 142 12.86 20.49 8.58
C ARG A 142 13.40 21.43 7.51
N ASN A 143 14.29 20.92 6.67
CA ASN A 143 15.09 21.75 5.77
C ASN A 143 14.39 21.88 4.40
N SER A 144 13.72 23.01 4.19
CA SER A 144 12.93 23.23 2.95
C SER A 144 13.73 23.03 1.67
N ASN A 145 14.95 23.55 1.66
CA ASN A 145 15.83 23.40 0.50
C ASN A 145 16.18 21.94 0.19
N ALA A 146 16.54 21.18 1.23
CA ALA A 146 16.90 19.77 1.06
C ALA A 146 15.73 18.96 0.51
N VAL A 147 14.56 19.16 1.11
CA VAL A 147 13.35 18.45 0.68
C VAL A 147 13.00 18.82 -0.76
N ALA A 148 13.11 20.10 -1.13
CA ALA A 148 12.82 20.51 -2.53
C ALA A 148 13.82 19.87 -3.53
N THR A 149 15.08 19.78 -3.11
CA THR A 149 16.13 19.18 -3.93
C THR A 149 15.88 17.69 -4.13
N LEU A 150 15.51 17.00 -3.05
CA LEU A 150 15.14 15.59 -3.15
C LEU A 150 13.97 15.38 -4.11
N ARG A 151 12.90 16.17 -3.93
CA ARG A 151 11.73 16.10 -4.82
C ARG A 151 12.13 16.33 -6.28
N ALA A 152 12.98 17.32 -6.50
CA ALA A 152 13.44 17.69 -7.85
C ALA A 152 14.20 16.54 -8.49
N ARG A 153 15.20 16.04 -7.77
CA ARG A 153 16.07 14.97 -8.27
C ARG A 153 15.35 13.66 -8.48
N LYS A 154 14.40 13.34 -7.60
CA LYS A 154 13.58 12.15 -7.72
C LYS A 154 12.38 12.31 -8.66
N HIS A 155 12.18 13.51 -9.21
CA HIS A 155 11.01 13.84 -10.03
C HIS A 155 9.72 13.47 -9.31
N ARG A 156 9.61 13.96 -8.07
CA ARG A 156 8.49 13.56 -7.19
C ARG A 156 7.93 14.86 -6.62
N PRO A 157 7.14 15.60 -7.43
CA PRO A 157 6.72 16.93 -6.98
C PRO A 157 5.70 16.95 -5.85
N ALA A 158 4.96 15.86 -5.65
CA ALA A 158 3.87 15.88 -4.66
C ALA A 158 3.78 14.69 -3.71
N LYS A 159 4.11 13.48 -4.19
CA LYS A 159 3.81 12.29 -3.41
C LYS A 159 4.40 12.39 -1.98
N PRO A 160 3.58 12.14 -0.94
CA PRO A 160 4.08 12.39 0.42
C PRO A 160 5.30 11.53 0.78
N LEU A 161 6.19 12.10 1.59
CA LEU A 161 7.44 11.49 2.03
C LEU A 161 7.33 10.99 3.46
N ALA A 162 7.69 9.73 3.68
CA ALA A 162 7.78 9.19 5.05
C ALA A 162 8.89 9.91 5.83
N VAL A 163 8.67 10.15 7.12
N VAL A 163 8.69 10.05 7.14
CA VAL A 163 9.72 10.71 7.96
CA VAL A 163 9.64 10.77 8.03
C VAL A 163 10.01 9.81 9.15
C VAL A 163 9.96 10.00 9.31
N MET A 164 11.25 9.82 9.59
CA MET A 164 11.68 9.07 10.80
C MET A 164 11.95 10.07 11.93
N LEU A 165 11.34 9.84 13.08
CA LEU A 165 11.46 10.76 14.22
C LEU A 165 12.36 10.06 15.24
N PRO A 166 13.13 10.82 16.06
CA PRO A 166 13.97 10.12 17.02
C PRO A 166 13.19 9.35 18.10
N VAL A 167 12.03 9.88 18.47
CA VAL A 167 11.16 9.28 19.51
C VAL A 167 9.70 9.58 19.17
N ALA A 168 8.78 8.94 19.90
CA ALA A 168 7.36 9.13 19.61
C ALA A 168 6.67 10.18 20.49
N ASP A 169 7.46 10.91 21.30
CA ASP A 169 6.92 11.92 22.22
C ASP A 169 5.97 12.88 21.51
N GLY A 170 4.82 13.14 22.13
CA GLY A 170 3.86 14.12 21.60
C GLY A 170 2.78 13.59 20.67
N LEU A 171 2.94 12.33 20.24
CA LEU A 171 1.97 11.71 19.37
C LEU A 171 0.89 11.04 20.20
N PRO A 172 -0.31 10.86 19.63
CA PRO A 172 -1.38 10.18 20.36
C PRO A 172 -1.00 8.76 20.81
N ASP A 173 -1.56 8.35 21.94
CA ASP A 173 -1.33 7.01 22.50
C ASP A 173 -1.40 5.90 21.44
N ALA A 174 -2.44 5.92 20.61
CA ALA A 174 -2.62 4.85 19.62
C ALA A 174 -1.45 4.81 18.65
N ALA A 175 -0.98 5.99 18.27
CA ALA A 175 0.16 6.08 17.32
C ALA A 175 1.44 5.57 17.97
N ARG A 176 1.71 5.99 19.20
CA ARG A 176 2.90 5.55 19.93
C ARG A 176 2.93 4.04 20.08
N GLN A 177 1.77 3.45 20.40
N GLN A 177 1.77 3.44 20.35
CA GLN A 177 1.66 2.01 20.53
CA GLN A 177 1.66 1.99 20.53
C GLN A 177 2.14 1.33 19.24
C GLN A 177 1.96 1.18 19.27
N LEU A 178 1.50 1.67 18.12
CA LEU A 178 1.87 1.06 16.82
C LEU A 178 3.32 1.26 16.44
N LEU A 179 3.81 2.49 16.64
CA LEU A 179 5.19 2.82 16.26
C LEU A 179 6.23 2.00 16.99
N THR A 180 5.92 1.61 18.23
CA THR A 180 6.91 0.96 19.09
C THR A 180 6.81 -0.54 19.09
N THR A 181 5.96 -1.11 18.22
CA THR A 181 5.89 -2.57 18.08
C THR A 181 7.13 -3.13 17.37
N PRO A 182 7.40 -4.44 17.53
CA PRO A 182 8.50 -5.06 16.75
C PRO A 182 8.38 -4.84 15.23
N ALA A 183 7.16 -4.72 14.72
CA ALA A 183 6.94 -4.45 13.29
C ALA A 183 7.45 -3.08 12.86
N ALA A 184 7.41 -2.11 13.79
CA ALA A 184 7.86 -0.74 13.58
C ALA A 184 7.40 -0.18 12.22
N PRO A 185 6.07 -0.11 12.03
CA PRO A 185 5.59 0.43 10.76
C PRO A 185 5.71 1.97 10.66
N ILE A 186 5.52 2.49 9.45
CA ILE A 186 5.17 3.89 9.22
C ILE A 186 3.73 4.03 9.69
N VAL A 187 3.45 5.05 10.51
CA VAL A 187 2.08 5.28 10.99
C VAL A 187 1.61 6.67 10.53
N LEU A 188 0.45 6.74 9.91
CA LEU A 188 -0.05 8.01 9.40
C LEU A 188 -0.72 8.74 10.54
N VAL A 189 -0.25 9.96 10.83
CA VAL A 189 -0.81 10.79 11.91
C VAL A 189 -1.17 12.18 11.38
N ASP A 190 -2.04 12.89 12.10
CA ASP A 190 -2.39 14.25 11.69
C ASP A 190 -1.14 15.12 11.70
N LYS A 191 -0.92 15.89 10.64
CA LYS A 191 0.31 16.70 10.61
C LYS A 191 0.37 17.81 11.68
N LYS A 192 -0.75 18.12 12.32
CA LYS A 192 -0.74 19.10 13.42
C LYS A 192 0.16 18.66 14.57
N TYR A 193 0.40 17.36 14.71
CA TYR A 193 1.21 16.85 15.81
C TYR A 193 2.70 17.01 15.57
N VAL A 194 3.09 17.29 14.33
CA VAL A 194 4.51 17.30 13.95
C VAL A 194 4.90 18.63 13.25
N PRO A 195 4.82 19.74 14.01
CA PRO A 195 5.07 21.06 13.41
C PRO A 195 6.51 21.27 12.92
N GLU A 196 7.46 20.48 13.40
CA GLU A 196 8.86 20.61 12.94
C GLU A 196 9.05 20.36 11.45
N LEU A 197 8.13 19.60 10.85
CA LEU A 197 8.27 19.18 9.44
C LEU A 197 7.96 20.30 8.48
N CYS A 198 8.81 20.47 7.47
CA CYS A 198 8.55 21.52 6.48
C CYS A 198 7.28 21.22 5.68
N ASP A 199 6.75 22.25 5.02
CA ASP A 199 5.45 22.10 4.36
C ASP A 199 5.47 21.20 3.12
N ASP A 200 6.67 20.85 2.65
CA ASP A 200 6.85 20.03 1.46
C ASP A 200 6.86 18.54 1.77
N ILE A 201 6.62 18.15 3.02
CA ILE A 201 6.66 16.70 3.32
C ILE A 201 5.41 15.99 2.74
N ALA A 202 4.23 16.56 3.01
CA ALA A 202 2.96 15.97 2.54
C ALA A 202 2.03 17.06 2.01
N PRO A 203 2.45 17.75 0.95
CA PRO A 203 1.72 18.93 0.53
C PRO A 203 0.29 18.59 0.05
N GLY A 204 -0.69 19.34 0.55
CA GLY A 204 -2.07 19.13 0.12
C GLY A 204 -2.82 18.05 0.88
N LEU A 205 -2.12 17.37 1.80
CA LEU A 205 -2.70 16.28 2.57
C LEU A 205 -2.75 16.66 4.05
N ASN A 206 -3.52 15.93 4.86
CA ASN A 206 -3.74 16.28 6.26
C ASN A 206 -2.91 15.40 7.20
N GLU A 207 -2.34 14.32 6.66
CA GLU A 207 -1.55 13.34 7.42
C GLU A 207 -0.10 13.27 6.94
N VAL A 208 0.76 12.85 7.85
N VAL A 208 0.77 12.88 7.85
CA VAL A 208 2.15 12.55 7.55
CA VAL A 208 2.16 12.56 7.54
C VAL A 208 2.42 11.13 8.04
C VAL A 208 2.48 11.16 8.06
N GLY A 209 3.21 10.38 7.26
CA GLY A 209 3.65 9.06 7.71
C GLY A 209 4.94 9.17 8.52
N VAL A 210 4.87 8.79 9.79
CA VAL A 210 6.03 8.85 10.66
C VAL A 210 6.44 7.43 11.10
N MET A 211 7.72 7.26 11.41
CA MET A 211 8.26 5.95 11.77
C MET A 211 9.37 6.17 12.80
N LEU A 212 9.67 5.17 13.60
CA LEU A 212 10.79 5.25 14.56
C LEU A 212 11.98 4.45 14.04
N PRO A 213 13.22 4.80 14.49
CA PRO A 213 14.39 3.94 14.20
C PRO A 213 14.10 2.53 14.67
N ALA A 214 14.38 1.54 13.82
CA ALA A 214 14.08 0.16 14.16
C ALA A 214 15.22 -0.81 13.82
N ASN A 215 16.32 -0.29 13.34
CA ASN A 215 17.52 -1.12 13.24
C ASN A 215 18.65 -0.30 13.88
N PRO A 216 19.78 -0.95 14.22
CA PRO A 216 20.80 -0.23 15.00
C PRO A 216 21.42 0.96 14.28
N LEU A 217 21.56 0.88 12.96
CA LEU A 217 22.11 1.99 12.19
C LEU A 217 21.16 3.20 12.27
N GLN A 218 19.85 2.94 12.17
CA GLN A 218 18.88 4.03 12.29
C GLN A 218 18.92 4.66 13.68
N HIS A 219 19.05 3.84 14.72
CA HIS A 219 19.17 4.36 16.09
C HIS A 219 20.42 5.26 16.23
N LEU A 220 21.56 4.79 15.76
CA LEU A 220 22.79 5.62 15.74
C LEU A 220 22.61 6.97 15.07
N LEU A 221 22.01 6.97 13.89
CA LEU A 221 21.76 8.20 13.15
C LEU A 221 20.84 9.18 13.86
N LEU A 222 19.70 8.69 14.34
CA LEU A 222 18.71 9.55 14.98
C LEU A 222 19.19 10.04 16.36
N GLN A 223 19.98 9.21 17.05
CA GLN A 223 20.60 9.60 18.32
C GLN A 223 21.52 10.80 18.14
N GLU A 224 22.24 10.80 17.03
CA GLU A 224 23.21 11.86 16.73
C GLU A 224 22.50 13.11 16.18
N LEU A 225 21.54 12.87 15.29
CA LEU A 225 20.89 13.96 14.56
C LEU A 225 19.84 14.69 15.37
N GLN A 226 19.12 13.96 16.22
CA GLN A 226 18.10 14.54 17.09
C GLN A 226 17.16 15.48 16.33
N CYS A 227 16.74 15.05 15.15
CA CYS A 227 15.81 15.83 14.35
C CYS A 227 15.08 14.85 13.43
N PRO A 228 13.92 15.26 12.88
CA PRO A 228 13.20 14.36 11.98
C PRO A 228 13.94 14.28 10.65
N LEU A 229 13.94 13.09 10.04
CA LEU A 229 14.59 12.90 8.76
C LEU A 229 13.59 12.31 7.78
N VAL A 230 13.59 12.84 6.57
CA VAL A 230 12.94 12.12 5.48
C VAL A 230 13.60 10.76 5.42
N MET A 231 12.80 9.72 5.20
CA MET A 231 13.31 8.36 5.09
C MET A 231 12.41 7.65 4.09
N THR A 232 12.60 7.97 2.82
CA THR A 232 11.76 7.49 1.71
C THR A 232 12.48 6.40 0.94
N SER A 233 11.72 5.55 0.25
N SER A 233 11.71 5.56 0.24
CA SER A 233 12.31 4.40 -0.45
CA SER A 233 12.30 4.42 -0.46
C SER A 233 13.30 4.87 -1.51
C SER A 233 13.32 4.89 -1.50
N GLY A 234 14.43 4.18 -1.57
CA GLY A 234 15.48 4.47 -2.54
C GLY A 234 15.26 3.63 -3.77
N ASN A 235 14.41 4.14 -4.66
CA ASN A 235 14.21 3.53 -5.97
C ASN A 235 13.89 4.54 -7.06
N LEU A 236 13.69 4.02 -8.27
CA LEU A 236 13.27 4.76 -9.45
C LEU A 236 11.85 4.35 -9.83
N SER A 237 10.97 5.33 -10.06
CA SER A 237 9.67 5.05 -10.64
C SER A 237 9.84 4.16 -11.88
N GLY A 238 9.00 3.13 -11.98
CA GLY A 238 9.04 2.17 -13.10
C GLY A 238 10.04 1.02 -12.95
N LYS A 239 10.76 1.01 -11.84
CA LYS A 239 11.84 0.05 -11.63
C LYS A 239 11.74 -0.60 -10.27
N PRO A 240 12.15 -1.89 -10.16
CA PRO A 240 12.14 -2.51 -8.85
C PRO A 240 13.15 -1.81 -7.94
N PRO A 241 12.90 -1.83 -6.61
CA PRO A 241 13.81 -1.19 -5.67
C PRO A 241 15.11 -1.98 -5.60
N ALA A 242 16.19 -1.29 -5.27
CA ALA A 242 17.49 -1.92 -5.15
C ALA A 242 17.56 -2.68 -3.84
N ILE A 243 18.14 -3.89 -3.89
CA ILE A 243 18.48 -4.61 -2.66
C ILE A 243 20.01 -4.87 -2.57
N SER A 244 20.72 -4.69 -3.68
CA SER A 244 22.20 -4.80 -3.69
C SER A 244 22.87 -3.42 -3.67
N ASN A 245 24.08 -3.37 -3.11
CA ASN A 245 24.86 -2.13 -3.09
C ASN A 245 25.07 -1.62 -4.50
N GLU A 246 25.39 -2.53 -5.42
CA GLU A 246 25.70 -2.12 -6.80
C GLU A 246 24.51 -1.49 -7.49
N GLN A 247 23.32 -2.03 -7.27
N GLN A 247 23.32 -2.04 -7.26
CA GLN A 247 22.14 -1.46 -7.89
CA GLN A 247 22.10 -1.50 -7.87
C GLN A 247 21.78 -0.11 -7.28
C GLN A 247 21.68 -0.17 -7.26
N ALA A 248 21.88 -0.01 -5.96
CA ALA A 248 21.63 1.26 -5.28
C ALA A 248 22.56 2.35 -5.82
N LEU A 249 23.85 2.04 -5.92
CA LEU A 249 24.83 2.98 -6.46
C LEU A 249 24.45 3.47 -7.88
N GLU A 250 24.01 2.54 -8.73
N GLU A 250 24.00 2.52 -8.70
CA GLU A 250 23.59 2.89 -10.08
CA GLU A 250 23.57 2.77 -10.07
C GLU A 250 22.30 3.70 -10.08
C GLU A 250 22.30 3.62 -10.11
N ASP A 251 21.27 3.18 -9.40
CA ASP A 251 19.94 3.80 -9.41
C ASP A 251 19.93 5.22 -8.84
N LEU A 252 20.71 5.45 -7.80
CA LEU A 252 20.57 6.66 -7.01
C LEU A 252 21.67 7.68 -7.27
N GLN A 253 22.53 7.39 -8.24
CA GLN A 253 23.66 8.27 -8.55
C GLN A 253 23.25 9.74 -8.81
N GLY A 254 22.16 9.98 -9.53
CA GLY A 254 21.76 11.37 -9.75
C GLY A 254 21.14 12.04 -8.52
N ILE A 255 20.88 11.26 -7.48
CA ILE A 255 19.97 11.68 -6.41
C ILE A 255 20.65 11.89 -5.04
N ALA A 256 21.34 10.85 -4.56
CA ALA A 256 22.05 10.92 -3.29
C ALA A 256 23.35 11.68 -3.49
N ASP A 257 23.75 12.43 -2.47
CA ASP A 257 25.04 13.12 -2.43
C ASP A 257 26.10 12.18 -1.87
N GLY A 258 25.65 11.13 -1.20
CA GLY A 258 26.56 10.14 -0.61
C GLY A 258 25.79 8.90 -0.19
N PHE A 259 26.53 7.81 0.05
CA PHE A 259 25.98 6.49 0.27
C PHE A 259 26.55 5.90 1.55
N LEU A 260 25.66 5.60 2.50
CA LEU A 260 26.02 4.85 3.71
C LEU A 260 25.50 3.43 3.56
N ILE A 261 26.40 2.52 3.18
CA ILE A 261 26.04 1.15 2.81
C ILE A 261 26.83 0.18 3.68
N HIS A 262 26.71 -1.12 3.40
CA HIS A 262 27.47 -2.10 4.17
C HIS A 262 27.56 -3.43 3.44
N ASN A 263 28.28 -4.37 4.02
CA ASN A 263 28.53 -5.62 3.30
C ASN A 263 27.71 -6.81 3.79
N ARG A 264 26.59 -6.55 4.46
CA ARG A 264 25.66 -7.63 4.78
C ARG A 264 24.58 -7.67 3.72
N ASP A 265 24.47 -8.80 3.02
CA ASP A 265 23.52 -8.86 1.88
C ASP A 265 22.06 -8.79 2.35
N ILE A 266 21.22 -8.17 1.52
CA ILE A 266 19.77 -8.29 1.66
C ILE A 266 19.33 -9.24 0.55
N VAL A 267 18.60 -10.29 0.90
CA VAL A 267 18.19 -11.24 -0.15
C VAL A 267 16.71 -11.16 -0.54
N GLN A 268 15.92 -10.43 0.25
CA GLN A 268 14.48 -10.25 -0.05
C GLN A 268 14.14 -8.78 0.02
N ARG A 269 13.42 -8.30 -0.99
CA ARG A 269 12.79 -6.97 -0.94
C ARG A 269 11.77 -6.95 0.19
N MET A 270 11.82 -5.92 1.03
CA MET A 270 10.89 -5.88 2.16
C MET A 270 10.70 -4.41 2.54
N ASP A 271 9.69 -3.78 1.95
CA ASP A 271 9.42 -2.36 2.16
C ASP A 271 8.95 -2.12 3.60
N ASP A 272 9.00 -0.86 4.05
CA ASP A 272 8.37 -0.51 5.30
C ASP A 272 6.87 -0.79 5.21
N SER A 273 6.26 -1.27 6.29
CA SER A 273 4.79 -1.35 6.34
C SER A 273 4.19 0.03 6.63
N VAL A 274 2.95 0.23 6.22
CA VAL A 274 2.24 1.52 6.41
C VAL A 274 0.88 1.20 7.02
N VAL A 275 0.58 1.83 8.15
CA VAL A 275 -0.71 1.68 8.80
C VAL A 275 -1.21 3.08 9.22
N ARG A 276 -2.51 3.21 9.45
CA ARG A 276 -3.00 4.46 10.03
C ARG A 276 -2.95 4.37 11.52
N GLU A 277 -2.98 5.52 12.20
CA GLU A 277 -3.06 5.53 13.67
C GLU A 277 -4.23 4.68 14.19
N SER A 278 -5.31 4.67 13.42
CA SER A 278 -6.50 3.89 13.73
C SER A 278 -6.28 2.37 13.70
N GLY A 279 -5.14 1.93 13.14
CA GLY A 279 -4.82 0.50 12.99
C GLY A 279 -5.07 -0.02 11.58
N GLU A 280 -5.70 0.78 10.73
CA GLU A 280 -6.04 0.35 9.36
C GLU A 280 -4.75 0.07 8.58
N MET A 281 -4.64 -1.13 8.01
CA MET A 281 -3.47 -1.56 7.25
C MET A 281 -3.56 -0.99 5.84
N LEU A 282 -2.46 -0.40 5.36
CA LEU A 282 -2.37 0.15 4.00
C LEU A 282 -1.38 -0.63 3.18
N ARG A 283 -0.23 -0.94 3.78
CA ARG A 283 0.82 -1.73 3.10
C ARG A 283 1.42 -2.70 4.11
N ARG A 284 1.36 -3.98 3.81
CA ARG A 284 1.74 -5.00 4.79
C ARG A 284 3.00 -5.71 4.30
N SER A 285 4.15 -5.30 4.84
CA SER A 285 5.47 -5.86 4.47
C SER A 285 6.31 -6.11 5.72
N ARG A 286 7.39 -5.33 5.92
CA ARG A 286 8.34 -5.55 7.01
C ARG A 286 7.58 -5.63 8.34
N GLY A 287 7.90 -6.65 9.13
CA GLY A 287 7.36 -6.76 10.48
C GLY A 287 6.13 -7.60 10.59
N TYR A 288 5.46 -7.88 9.46
CA TYR A 288 4.27 -8.73 9.41
C TYR A 288 4.50 -10.00 8.58
N VAL A 289 5.22 -9.88 7.47
CA VAL A 289 5.59 -11.03 6.62
C VAL A 289 6.79 -11.79 7.24
N PRO A 290 6.75 -13.15 7.31
CA PRO A 290 5.84 -14.08 6.71
C PRO A 290 4.79 -14.74 7.62
N ASP A 291 4.20 -13.98 8.55
CA ASP A 291 3.16 -14.51 9.45
C ASP A 291 1.95 -15.04 8.67
N ALA A 292 1.49 -16.24 9.02
CA ALA A 292 0.29 -16.84 8.43
C ALA A 292 -0.96 -16.34 9.16
N LEU A 293 -2.10 -16.48 8.50
CA LEU A 293 -3.41 -16.11 9.05
C LEU A 293 -4.36 -17.30 8.98
N ALA A 294 -5.26 -17.42 9.96
CA ALA A 294 -6.19 -18.54 9.97
C ALA A 294 -7.31 -18.23 9.00
N LEU A 295 -7.75 -19.25 8.25
CA LEU A 295 -8.91 -19.09 7.38
C LEU A 295 -10.17 -19.06 8.26
N PRO A 296 -11.29 -18.59 7.69
CA PRO A 296 -12.54 -18.55 8.45
C PRO A 296 -13.07 -19.94 8.86
N PRO A 297 -14.04 -19.97 9.80
CA PRO A 297 -14.68 -21.24 10.19
C PRO A 297 -15.19 -21.96 8.94
N GLY A 298 -15.01 -23.29 8.91
CA GLY A 298 -15.50 -24.08 7.79
C GLY A 298 -14.46 -24.36 6.74
N PHE A 299 -13.38 -23.56 6.71
CA PHE A 299 -12.31 -23.83 5.75
C PHE A 299 -11.27 -24.77 6.38
N LYS A 300 -11.15 -25.99 5.84
CA LYS A 300 -10.24 -27.00 6.44
C LYS A 300 -9.83 -27.92 5.29
N ASN A 301 -8.63 -28.50 5.42
CA ASN A 301 -8.14 -29.53 4.49
C ASN A 301 -8.03 -28.96 3.07
N VAL A 302 -7.80 -27.64 2.96
CA VAL A 302 -7.72 -27.00 1.65
C VAL A 302 -6.41 -27.40 0.91
N PRO A 303 -6.50 -27.74 -0.38
CA PRO A 303 -5.31 -28.08 -1.14
C PRO A 303 -4.40 -26.86 -1.33
N PRO A 304 -3.13 -27.09 -1.61
CA PRO A 304 -2.19 -25.99 -1.82
C PRO A 304 -2.53 -25.17 -3.06
N VAL A 305 -2.98 -23.94 -2.83
CA VAL A 305 -3.35 -23.01 -3.91
C VAL A 305 -2.46 -21.78 -3.90
N LEU A 306 -1.89 -21.46 -5.06
CA LEU A 306 -1.13 -20.22 -5.26
C LEU A 306 -2.04 -19.17 -5.87
N CYS A 307 -2.21 -18.02 -5.19
CA CYS A 307 -3.07 -16.95 -5.71
C CYS A 307 -2.20 -15.77 -6.13
N LEU A 308 -2.38 -15.33 -7.37
CA LEU A 308 -1.42 -14.39 -7.95
C LEU A 308 -1.70 -12.92 -7.59
N GLY A 309 -2.91 -12.63 -7.13
CA GLY A 309 -3.26 -11.29 -6.68
C GLY A 309 -3.49 -10.38 -7.88
N ALA A 310 -3.13 -9.11 -7.74
CA ALA A 310 -3.48 -8.14 -8.77
C ALA A 310 -2.22 -7.58 -9.41
N ASP A 311 -2.39 -6.89 -10.53
CA ASP A 311 -1.22 -6.38 -11.24
C ASP A 311 -0.59 -5.18 -10.55
N LEU A 312 -1.34 -4.51 -9.69
CA LEU A 312 -0.85 -3.32 -9.01
C LEU A 312 -0.79 -3.62 -7.53
N LYS A 313 0.17 -3.02 -6.82
CA LYS A 313 0.30 -3.19 -5.37
C LYS A 313 0.27 -4.68 -5.03
N ASN A 314 0.98 -5.47 -5.84
CA ASN A 314 0.83 -6.92 -5.79
C ASN A 314 1.21 -7.57 -4.47
N THR A 315 0.46 -8.60 -4.10
CA THR A 315 0.91 -9.61 -3.14
C THR A 315 0.41 -10.92 -3.68
N PHE A 316 1.16 -11.99 -3.46
CA PHE A 316 0.62 -13.30 -3.74
C PHE A 316 0.20 -13.90 -2.40
N CYS A 317 -0.57 -14.99 -2.48
N CYS A 317 -0.58 -14.98 -2.44
CA CYS A 317 -1.05 -15.73 -1.31
CA CYS A 317 -0.86 -15.70 -1.21
C CYS A 317 -0.77 -17.22 -1.49
C CYS A 317 -0.92 -17.20 -1.41
N LEU A 318 -0.40 -17.92 -0.42
CA LEU A 318 -0.32 -19.38 -0.43
C LEU A 318 -1.42 -19.84 0.52
N VAL A 319 -2.29 -20.71 0.04
CA VAL A 319 -3.44 -21.20 0.82
C VAL A 319 -3.26 -22.70 0.97
N ARG A 320 -3.43 -23.23 2.18
CA ARG A 320 -3.36 -24.70 2.39
C ARG A 320 -3.86 -25.07 3.78
N GLY A 321 -4.59 -26.18 3.89
CA GLY A 321 -5.03 -26.65 5.20
C GLY A 321 -6.09 -25.72 5.72
N GLU A 322 -5.80 -25.01 6.82
CA GLU A 322 -6.74 -24.01 7.34
C GLU A 322 -6.09 -22.63 7.49
N GLN A 323 -5.02 -22.38 6.74
CA GLN A 323 -4.31 -21.12 6.88
C GLN A 323 -3.93 -20.54 5.54
N VAL A 324 -3.60 -19.25 5.56
CA VAL A 324 -3.14 -18.56 4.38
C VAL A 324 -1.90 -17.72 4.73
N VAL A 325 -0.95 -17.58 3.81
N VAL A 325 -0.97 -17.59 3.79
CA VAL A 325 0.17 -16.67 4.07
CA VAL A 325 0.21 -16.76 3.95
C VAL A 325 0.41 -15.75 2.87
C VAL A 325 0.22 -15.75 2.82
N LEU A 326 0.30 -14.45 3.14
CA LEU A 326 0.48 -13.40 2.13
C LEU A 326 1.94 -13.05 1.97
N SER A 327 2.35 -12.72 0.73
CA SER A 327 3.67 -12.17 0.49
C SER A 327 3.73 -10.70 0.96
N GLN A 328 4.95 -10.16 0.99
CA GLN A 328 5.12 -8.72 1.10
C GLN A 328 4.62 -8.01 -0.16
N HIS A 329 4.45 -6.69 -0.04
CA HIS A 329 4.19 -5.84 -1.19
C HIS A 329 5.29 -6.00 -2.25
N LEU A 330 4.87 -6.30 -3.49
CA LEU A 330 5.80 -6.55 -4.59
C LEU A 330 5.65 -5.55 -5.73
N GLY A 331 4.77 -4.57 -5.55
CA GLY A 331 4.64 -3.45 -6.50
C GLY A 331 3.83 -3.76 -7.75
N ASP A 332 4.14 -3.01 -8.81
N ASP A 332 4.12 -3.03 -8.82
CA ASP A 332 3.45 -3.08 -10.09
CA ASP A 332 3.33 -3.14 -10.04
C ASP A 332 4.08 -4.20 -10.92
C ASP A 332 3.99 -4.10 -11.02
N LEU A 333 3.28 -5.18 -11.33
CA LEU A 333 3.81 -6.31 -12.11
C LEU A 333 4.22 -5.96 -13.56
N SER A 334 3.76 -4.82 -14.06
CA SER A 334 4.12 -4.36 -15.41
C SER A 334 5.53 -3.74 -15.48
N ASP A 335 6.12 -3.44 -14.33
CA ASP A 335 7.44 -2.81 -14.28
C ASP A 335 8.57 -3.74 -14.71
N ASP A 336 9.43 -3.23 -15.59
CA ASP A 336 10.55 -4.00 -16.12
C ASP A 336 11.37 -4.67 -15.01
N GLY A 337 11.48 -6.00 -15.06
CA GLY A 337 12.37 -6.73 -14.14
C GLY A 337 11.84 -7.06 -12.75
N ILE A 338 10.58 -6.67 -12.51
CA ILE A 338 9.89 -6.93 -11.25
C ILE A 338 9.72 -8.43 -10.94
N GLN A 339 9.71 -9.26 -11.99
CA GLN A 339 9.53 -10.70 -11.79
C GLN A 339 10.62 -11.33 -10.93
N THR A 340 11.86 -10.82 -11.03
CA THR A 340 12.99 -11.33 -10.23
C THR A 340 12.70 -11.37 -8.72
N GLN A 341 12.34 -10.21 -8.16
CA GLN A 341 12.06 -10.14 -6.72
C GLN A 341 10.79 -10.91 -6.36
N TRP A 342 9.81 -10.88 -7.27
CA TRP A 342 8.55 -11.63 -7.09
C TRP A 342 8.88 -13.13 -6.98
N ARG A 343 9.66 -13.65 -7.92
CA ARG A 343 9.98 -15.07 -7.92
C ARG A 343 10.82 -15.48 -6.70
N GLU A 344 11.74 -14.61 -6.28
CA GLU A 344 12.56 -14.89 -5.10
C GLU A 344 11.71 -14.93 -3.84
N ALA A 345 10.72 -14.05 -3.78
CA ALA A 345 9.83 -14.03 -2.64
C ALA A 345 9.05 -15.33 -2.60
N LEU A 346 8.57 -15.75 -3.77
CA LEU A 346 7.79 -16.99 -3.86
C LEU A 346 8.66 -18.21 -3.52
N ARG A 347 9.91 -18.19 -3.98
CA ARG A 347 10.85 -19.30 -3.70
C ARG A 347 11.00 -19.47 -2.19
N LEU A 348 11.30 -18.39 -1.48
CA LEU A 348 11.56 -18.51 -0.05
C LEU A 348 10.28 -18.85 0.71
N MET A 349 9.16 -18.24 0.32
CA MET A 349 7.89 -18.51 1.01
C MET A 349 7.53 -20.01 0.87
N GLN A 350 7.69 -20.55 -0.35
CA GLN A 350 7.42 -21.97 -0.56
C GLN A 350 8.36 -22.88 0.24
N ASN A 351 9.60 -22.43 0.34
CA ASN A 351 10.62 -23.16 1.12
C ASN A 351 10.30 -23.17 2.61
N ILE A 352 9.96 -22.00 3.15
CA ILE A 352 9.58 -21.87 4.57
C ILE A 352 8.39 -22.74 4.94
N TYR A 353 7.40 -22.80 4.05
CA TYR A 353 6.17 -23.51 4.34
C TYR A 353 6.10 -24.89 3.69
N ASN A 354 7.21 -25.35 3.11
CA ASN A 354 7.20 -26.62 2.39
C ASN A 354 6.01 -26.78 1.46
N PHE A 355 5.81 -25.74 0.66
CA PHE A 355 4.56 -25.60 -0.07
C PHE A 355 4.79 -25.81 -1.56
N THR A 356 3.99 -26.67 -2.16
CA THR A 356 4.03 -26.92 -3.59
C THR A 356 2.61 -26.82 -4.12
N PRO A 357 2.33 -25.83 -4.98
CA PRO A 357 0.93 -25.60 -5.35
C PRO A 357 0.42 -26.70 -6.28
N GLN A 358 -0.86 -27.00 -6.13
CA GLN A 358 -1.55 -27.91 -7.03
C GLN A 358 -2.51 -27.17 -7.96
N TYR A 359 -2.83 -25.93 -7.57
CA TYR A 359 -3.78 -25.06 -8.29
C TYR A 359 -3.26 -23.64 -8.31
N VAL A 360 -3.56 -22.90 -9.36
N VAL A 360 -3.60 -22.91 -9.36
CA VAL A 360 -3.24 -21.46 -9.40
CA VAL A 360 -3.26 -21.49 -9.44
C VAL A 360 -4.46 -20.61 -9.73
C VAL A 360 -4.56 -20.69 -9.63
N VAL A 361 -4.67 -19.56 -8.94
CA VAL A 361 -5.83 -18.67 -9.11
C VAL A 361 -5.33 -17.28 -9.50
N HIS A 362 -6.02 -16.65 -10.44
CA HIS A 362 -5.62 -15.33 -10.87
C HIS A 362 -6.83 -14.51 -11.31
N ASP A 363 -6.58 -13.27 -11.66
CA ASP A 363 -7.64 -12.31 -12.02
C ASP A 363 -8.26 -12.65 -13.38
N ALA A 364 -9.52 -12.31 -13.54
CA ALA A 364 -10.24 -12.58 -14.78
C ALA A 364 -9.81 -11.70 -15.95
N HIS A 365 -9.08 -10.61 -15.69
CA HIS A 365 -8.65 -9.69 -16.75
C HIS A 365 -7.62 -10.41 -17.66
N PRO A 366 -7.97 -10.64 -18.94
CA PRO A 366 -7.03 -11.42 -19.77
C PRO A 366 -5.77 -10.64 -20.16
N GLY A 367 -5.74 -9.35 -19.91
CA GLY A 367 -4.57 -8.53 -20.26
C GLY A 367 -3.50 -8.41 -19.20
N TYR A 368 -3.76 -8.93 -18.01
CA TYR A 368 -2.85 -8.80 -16.88
C TYR A 368 -1.56 -9.58 -17.10
N VAL A 369 -0.48 -9.01 -16.58
CA VAL A 369 0.82 -9.66 -16.57
C VAL A 369 0.75 -10.92 -15.70
N SER A 370 0.06 -10.83 -14.56
CA SER A 370 -0.07 -12.00 -13.67
C SER A 370 -0.74 -13.18 -14.40
N CYS A 371 -1.66 -12.87 -15.29
N CYS A 371 -1.74 -12.88 -15.25
CA CYS A 371 -2.38 -13.89 -16.03
CA CYS A 371 -2.38 -13.90 -16.11
C CYS A 371 -1.51 -14.53 -17.14
C CYS A 371 -1.31 -14.61 -16.91
N GLN A 372 -0.47 -13.82 -17.57
CA GLN A 372 0.58 -14.39 -18.41
C GLN A 372 1.46 -15.30 -17.57
N TRP A 373 1.84 -14.84 -16.38
CA TRP A 373 2.69 -15.66 -15.51
C TRP A 373 2.01 -16.97 -15.14
N ALA A 374 0.71 -16.90 -14.84
CA ALA A 374 -0.07 -18.11 -14.51
C ALA A 374 -0.01 -19.15 -15.63
N SER A 375 -0.08 -18.70 -16.87
CA SER A 375 -0.06 -19.60 -18.02
C SER A 375 1.25 -20.38 -18.18
N GLU A 376 2.26 -20.02 -17.42
CA GLU A 376 3.57 -20.66 -17.51
C GLU A 376 3.86 -21.72 -16.45
N MET A 377 2.88 -21.99 -15.60
CA MET A 377 3.09 -22.84 -14.43
C MET A 377 2.77 -24.33 -14.51
N ASN A 378 2.20 -24.79 -15.61
CA ASN A 378 1.84 -26.21 -15.75
C ASN A 378 0.95 -26.76 -14.62
N LEU A 379 -0.02 -25.92 -14.20
CA LEU A 379 -0.97 -26.27 -13.16
C LEU A 379 -2.39 -25.90 -13.61
N PRO A 380 -3.42 -26.61 -13.11
CA PRO A 380 -4.79 -26.15 -13.38
C PRO A 380 -4.94 -24.69 -12.92
N THR A 381 -5.54 -23.84 -13.77
CA THR A 381 -5.73 -22.41 -13.45
C THR A 381 -7.21 -22.07 -13.42
N GLN A 382 -7.57 -21.07 -12.62
CA GLN A 382 -8.95 -20.65 -12.54
C GLN A 382 -8.93 -19.17 -12.24
N THR A 383 -10.02 -18.48 -12.62
CA THR A 383 -10.09 -17.06 -12.45
C THR A 383 -11.16 -16.67 -11.42
N VAL A 384 -10.98 -15.47 -10.88
CA VAL A 384 -11.92 -14.86 -9.95
C VAL A 384 -12.07 -13.39 -10.41
N LEU A 385 -13.29 -12.89 -10.42
CA LEU A 385 -13.50 -11.46 -10.72
C LEU A 385 -12.85 -10.58 -9.66
N HIS A 386 -12.21 -9.53 -10.12
CA HIS A 386 -11.50 -8.55 -9.28
C HIS A 386 -12.35 -8.12 -8.07
N HIS A 387 -13.56 -7.65 -8.34
CA HIS A 387 -14.39 -7.12 -7.25
C HIS A 387 -14.97 -8.19 -6.34
N HIS A 388 -15.18 -9.38 -6.88
CA HIS A 388 -15.53 -10.50 -6.02
C HIS A 388 -14.40 -10.79 -5.00
N ALA A 389 -13.15 -10.82 -5.47
CA ALA A 389 -11.99 -11.02 -4.59
C ALA A 389 -11.86 -9.91 -3.53
N HIS A 390 -12.03 -8.64 -3.91
CA HIS A 390 -12.10 -7.57 -2.88
C HIS A 390 -13.13 -7.88 -1.80
N ALA A 391 -14.36 -8.19 -2.20
CA ALA A 391 -15.43 -8.46 -1.22
C ALA A 391 -15.09 -9.65 -0.35
N ALA A 392 -14.57 -10.71 -0.97
CA ALA A 392 -14.32 -11.97 -0.21
C ALA A 392 -13.17 -11.77 0.75
N ALA A 393 -12.21 -10.91 0.39
CA ALA A 393 -11.09 -10.65 1.28
C ALA A 393 -11.58 -9.96 2.57
N CYS A 394 -12.52 -9.04 2.44
CA CYS A 394 -13.12 -8.37 3.60
C CYS A 394 -13.93 -9.39 4.45
N LEU A 395 -14.72 -10.23 3.80
CA LEU A 395 -15.46 -11.30 4.52
C LEU A 395 -14.49 -12.20 5.31
N ALA A 396 -13.40 -12.58 4.65
CA ALA A 396 -12.43 -13.52 5.25
C ALA A 396 -11.78 -12.89 6.48
N GLU A 397 -11.41 -11.61 6.36
CA GLU A 397 -10.78 -10.95 7.49
C GLU A 397 -11.74 -10.84 8.67
N HIS A 398 -13.05 -10.73 8.39
CA HIS A 398 -14.07 -10.73 9.43
C HIS A 398 -14.57 -12.11 9.86
N GLN A 399 -13.86 -13.14 9.41
CA GLN A 399 -14.14 -14.52 9.81
C GLN A 399 -15.56 -14.97 9.46
N TRP A 400 -16.10 -14.47 8.34
CA TRP A 400 -17.41 -14.93 7.84
C TRP A 400 -17.30 -16.44 7.56
N PRO A 401 -18.16 -17.29 8.18
CA PRO A 401 -18.03 -18.74 7.93
C PRO A 401 -18.26 -19.14 6.48
N LEU A 402 -17.72 -20.29 6.11
CA LEU A 402 -17.88 -20.83 4.77
C LEU A 402 -19.35 -20.80 4.35
N ASP A 403 -20.22 -21.18 5.29
N ASP A 403 -20.28 -21.18 5.19
CA ASP A 403 -21.69 -21.30 5.11
CA ASP A 403 -21.67 -21.16 4.73
C ASP A 403 -22.45 -20.11 5.69
C ASP A 403 -22.47 -20.08 5.46
N GLY A 404 -21.79 -18.96 5.76
CA GLY A 404 -22.33 -17.85 6.50
C GLY A 404 -23.51 -17.13 5.89
N GLY A 405 -23.74 -17.31 4.59
CA GLY A 405 -24.89 -16.66 3.95
C GLY A 405 -24.44 -15.49 3.08
N ASP A 406 -25.37 -14.93 2.32
CA ASP A 406 -25.07 -13.85 1.37
C ASP A 406 -24.92 -12.52 2.11
N VAL A 407 -24.09 -11.65 1.52
CA VAL A 407 -24.04 -10.23 1.92
C VAL A 407 -24.28 -9.39 0.67
N ILE A 408 -24.61 -8.11 0.89
CA ILE A 408 -24.57 -7.15 -0.19
C ILE A 408 -23.23 -6.38 -0.03
N ALA A 409 -22.46 -6.35 -1.11
CA ALA A 409 -21.12 -5.75 -1.09
C ALA A 409 -21.06 -4.48 -1.96
N LEU A 410 -20.32 -3.49 -1.50
CA LEU A 410 -20.03 -2.28 -2.28
C LEU A 410 -18.55 -2.30 -2.55
N THR A 411 -18.16 -2.36 -3.82
CA THR A 411 -16.75 -2.49 -4.16
C THR A 411 -16.40 -1.27 -5.00
N LEU A 412 -15.63 -0.36 -4.39
CA LEU A 412 -15.29 0.92 -5.01
C LEU A 412 -13.80 1.02 -5.27
N ASP A 413 -13.42 1.25 -6.53
CA ASP A 413 -11.98 1.38 -6.86
C ASP A 413 -11.75 2.11 -8.15
N GLY A 414 -10.60 1.87 -8.76
CA GLY A 414 -10.27 2.52 -10.05
C GLY A 414 -10.91 1.72 -11.17
N ILE A 415 -10.30 0.58 -11.52
CA ILE A 415 -10.79 -0.26 -12.61
C ILE A 415 -10.44 -1.70 -12.27
N GLY A 416 -11.41 -2.58 -12.48
CA GLY A 416 -11.16 -4.01 -12.51
C GLY A 416 -12.12 -4.60 -13.53
N MET A 417 -11.72 -5.68 -14.16
CA MET A 417 -12.59 -6.32 -15.11
C MET A 417 -13.72 -7.05 -14.42
N GLY A 418 -14.92 -6.75 -14.87
CA GLY A 418 -16.12 -7.38 -14.33
C GLY A 418 -16.61 -8.47 -15.25
N GLU A 419 -17.89 -8.80 -15.12
CA GLU A 419 -18.52 -9.81 -15.96
C GLU A 419 -18.60 -9.39 -17.43
N ASN A 420 -18.38 -10.36 -18.32
CA ASN A 420 -18.47 -10.16 -19.77
C ASN A 420 -17.61 -9.00 -20.29
N GLY A 421 -16.42 -8.85 -19.72
CA GLY A 421 -15.47 -7.85 -20.17
C GLY A 421 -15.83 -6.41 -19.83
N ALA A 422 -16.84 -6.20 -18.99
CA ALA A 422 -17.16 -4.84 -18.56
C ALA A 422 -16.09 -4.33 -17.59
N LEU A 423 -15.80 -3.03 -17.61
CA LEU A 423 -14.87 -2.46 -16.67
C LEU A 423 -15.64 -1.89 -15.49
N TRP A 424 -15.42 -2.51 -14.33
CA TRP A 424 -16.14 -2.11 -13.14
C TRP A 424 -15.27 -1.26 -12.22
N GLY A 425 -15.89 -0.60 -11.26
CA GLY A 425 -15.15 0.15 -10.25
C GLY A 425 -16.04 0.87 -9.25
N GLY A 426 -17.32 0.53 -9.21
CA GLY A 426 -18.25 1.25 -8.34
C GLY A 426 -19.56 0.47 -8.33
N GLU A 427 -19.53 -0.72 -7.74
CA GLU A 427 -20.60 -1.70 -7.93
C GLU A 427 -21.25 -2.16 -6.63
N CYS A 428 -22.54 -2.44 -6.74
N CYS A 428 -22.53 -2.46 -6.74
CA CYS A 428 -23.28 -3.16 -5.71
CA CYS A 428 -23.27 -3.12 -5.68
C CYS A 428 -23.39 -4.60 -6.16
C CYS A 428 -23.46 -4.58 -6.12
N LEU A 429 -23.02 -5.53 -5.28
CA LEU A 429 -22.97 -6.96 -5.62
C LEU A 429 -23.65 -7.78 -4.54
N ARG A 430 -24.29 -8.89 -4.95
CA ARG A 430 -24.69 -9.92 -3.98
C ARG A 430 -23.55 -10.94 -3.97
N VAL A 431 -22.98 -11.19 -2.79
CA VAL A 431 -21.72 -11.94 -2.70
C VAL A 431 -21.78 -13.03 -1.64
N ASN A 432 -21.25 -14.19 -1.99
CA ASN A 432 -20.82 -15.18 -0.99
C ASN A 432 -19.47 -15.72 -1.48
N TYR A 433 -18.88 -16.67 -0.75
CA TYR A 433 -17.55 -17.11 -1.18
C TYR A 433 -17.53 -17.79 -2.55
N ARG A 434 -18.67 -18.24 -3.04
CA ARG A 434 -18.72 -18.93 -4.33
C ARG A 434 -19.28 -18.09 -5.46
N GLU A 435 -20.12 -17.10 -5.13
CA GLU A 435 -21.01 -16.43 -6.10
C GLU A 435 -20.82 -14.93 -6.04
N CYS A 436 -20.96 -14.27 -7.18
CA CYS A 436 -20.97 -12.80 -7.24
C CYS A 436 -22.02 -12.42 -8.29
N GLU A 437 -23.10 -11.77 -7.85
CA GLU A 437 -24.13 -11.30 -8.79
C GLU A 437 -24.11 -9.78 -8.80
N HIS A 438 -24.00 -9.20 -10.00
CA HIS A 438 -23.95 -7.76 -10.11
C HIS A 438 -25.36 -7.18 -9.99
N LEU A 439 -25.53 -6.19 -9.11
CA LEU A 439 -26.88 -5.64 -8.86
C LEU A 439 -27.06 -4.21 -9.34
N GLY A 440 -25.97 -3.46 -9.43
CA GLY A 440 -26.08 -2.07 -9.89
C GLY A 440 -24.87 -1.26 -9.43
N GLY A 441 -25.01 0.05 -9.41
CA GLY A 441 -23.87 0.89 -9.08
C GLY A 441 -23.78 2.16 -9.89
N LEU A 442 -22.57 2.64 -10.10
CA LEU A 442 -22.38 3.84 -10.92
C LEU A 442 -22.66 3.55 -12.41
N PRO A 443 -23.09 4.56 -13.17
CA PRO A 443 -23.23 4.33 -14.64
C PRO A 443 -21.83 4.21 -15.27
N ALA A 444 -21.69 3.40 -16.31
CA ALA A 444 -20.37 3.28 -16.97
C ALA A 444 -20.18 4.49 -17.88
N VAL A 445 -19.00 5.12 -17.76
CA VAL A 445 -18.66 6.35 -18.48
C VAL A 445 -17.28 6.14 -19.11
N ALA A 446 -17.10 6.66 -20.32
CA ALA A 446 -15.88 6.50 -21.10
C ALA A 446 -14.66 6.97 -20.33
N LEU A 447 -13.56 6.25 -20.49
CA LEU A 447 -12.22 6.70 -20.08
C LEU A 447 -11.54 7.31 -21.33
N PRO A 448 -11.59 8.64 -21.50
CA PRO A 448 -11.05 9.19 -22.76
C PRO A 448 -9.52 9.13 -22.81
N GLY A 449 -8.96 8.50 -23.83
CA GLY A 449 -7.52 8.34 -23.90
C GLY A 449 -7.03 7.14 -23.10
N GLY A 450 -7.95 6.26 -22.69
CA GLY A 450 -7.57 5.00 -22.04
C GLY A 450 -6.79 5.21 -20.78
N ASP A 451 -5.52 4.78 -20.78
CA ASP A 451 -4.61 4.93 -19.65
C ASP A 451 -4.41 6.39 -19.22
N LEU A 452 -4.58 7.32 -20.15
CA LEU A 452 -4.45 8.76 -19.79
C LEU A 452 -5.54 9.25 -18.83
N ALA A 453 -6.68 8.56 -18.80
CA ALA A 453 -7.80 9.04 -17.98
C ALA A 453 -7.45 9.01 -16.48
N ALA A 454 -6.64 8.04 -16.06
CA ALA A 454 -6.20 7.99 -14.66
C ALA A 454 -5.12 9.02 -14.32
N LYS A 455 -4.52 9.60 -15.35
CA LYS A 455 -3.42 10.56 -15.20
C LYS A 455 -3.86 12.02 -15.32
N GLN A 456 -5.00 12.25 -15.97
CA GLN A 456 -5.43 13.62 -16.24
C GLN A 456 -6.90 13.75 -15.85
N PRO A 457 -7.16 14.16 -14.60
CA PRO A 457 -8.55 14.23 -14.09
C PRO A 457 -9.56 14.91 -15.01
N TRP A 458 -9.16 15.98 -15.72
CA TRP A 458 -10.04 16.71 -16.62
C TRP A 458 -10.73 15.84 -17.68
N ARG A 459 -10.07 14.75 -18.08
CA ARG A 459 -10.65 13.82 -19.04
C ARG A 459 -11.95 13.22 -18.51
N ASN A 460 -11.97 12.89 -17.22
CA ASN A 460 -13.17 12.34 -16.58
C ASN A 460 -14.26 13.37 -16.42
N LEU A 461 -13.89 14.61 -16.11
CA LEU A 461 -14.86 15.70 -16.07
C LEU A 461 -15.47 15.88 -17.47
N LEU A 462 -14.65 15.89 -18.54
CA LEU A 462 -15.20 15.96 -19.90
C LEU A 462 -16.20 14.81 -20.18
N ALA A 463 -15.79 13.58 -19.88
CA ALA A 463 -16.64 12.41 -20.13
C ALA A 463 -17.97 12.51 -19.37
N GLN A 464 -17.92 12.90 -18.10
CA GLN A 464 -19.12 13.13 -17.32
C GLN A 464 -20.03 14.22 -17.91
N CYS A 465 -19.44 15.35 -18.26
CA CYS A 465 -20.17 16.48 -18.86
C CYS A 465 -20.86 16.11 -20.16
N LEU A 466 -20.14 15.44 -21.06
CA LEU A 466 -20.71 15.03 -22.37
C LEU A 466 -21.93 14.15 -22.20
N ARG A 467 -21.89 13.26 -21.20
CA ARG A 467 -23.02 12.36 -20.92
C ARG A 467 -24.18 13.03 -20.17
N PHE A 468 -23.86 13.91 -19.22
CA PHE A 468 -24.83 14.29 -18.17
C PHE A 468 -25.13 15.78 -17.96
N VAL A 469 -24.32 16.66 -18.56
CA VAL A 469 -24.43 18.09 -18.22
C VAL A 469 -24.79 18.95 -19.45
N PRO A 470 -26.07 19.32 -19.59
CA PRO A 470 -26.41 20.26 -20.67
C PRO A 470 -25.66 21.58 -20.54
N GLU A 471 -25.20 22.11 -21.67
N GLU A 471 -25.23 22.11 -21.69
CA GLU A 471 -24.50 23.40 -21.72
CA GLU A 471 -24.47 23.38 -21.77
C GLU A 471 -23.32 23.42 -20.75
C GLU A 471 -23.32 23.41 -20.75
N TRP A 472 -22.58 22.33 -20.67
CA TRP A 472 -21.48 22.20 -19.70
C TRP A 472 -20.38 23.26 -19.89
N GLN A 473 -20.22 23.73 -21.12
CA GLN A 473 -19.19 24.75 -21.39
C GLN A 473 -19.46 26.07 -20.69
N ASN A 474 -20.66 26.27 -20.20
CA ASN A 474 -21.04 27.53 -19.61
C ASN A 474 -20.66 27.64 -18.13
N TYR A 475 -20.19 26.55 -17.54
CA TYR A 475 -19.85 26.52 -16.12
C TYR A 475 -18.39 26.91 -15.92
N PRO A 476 -18.09 27.69 -14.87
CA PRO A 476 -16.68 28.07 -14.63
C PRO A 476 -15.80 26.86 -14.29
N GLU A 477 -16.41 25.82 -13.72
CA GLU A 477 -15.70 24.58 -13.34
C GLU A 477 -15.05 23.86 -14.54
N THR A 478 -15.61 24.09 -15.73
CA THR A 478 -15.18 23.36 -16.93
C THR A 478 -14.33 24.23 -17.86
N ALA A 479 -13.94 25.40 -17.40
CA ALA A 479 -13.31 26.41 -18.27
C ALA A 479 -12.07 25.93 -19.04
N SER A 480 -11.12 25.26 -18.39
CA SER A 480 -9.89 24.87 -19.12
C SER A 480 -10.14 23.80 -20.19
N VAL A 481 -11.09 22.91 -19.90
CA VAL A 481 -11.54 21.89 -20.85
C VAL A 481 -12.26 22.52 -22.02
N ALA A 482 -13.17 23.45 -21.73
CA ALA A 482 -13.93 24.16 -22.77
C ALA A 482 -13.01 24.92 -23.75
N ALA A 483 -11.91 25.44 -23.25
CA ALA A 483 -11.03 26.33 -24.03
C ALA A 483 -10.15 25.55 -25.00
N ALA A 484 -9.94 24.27 -24.68
CA ALA A 484 -9.21 23.29 -25.48
C ALA A 484 -10.03 22.84 -26.71
N ASN A 485 -9.39 22.14 -27.65
CA ASN A 485 -10.12 21.60 -28.80
C ASN A 485 -10.64 20.22 -28.41
N TRP A 486 -11.47 20.20 -27.35
CA TRP A 486 -12.03 18.99 -26.73
C TRP A 486 -12.89 18.21 -27.71
N SER A 487 -13.24 18.82 -28.85
CA SER A 487 -14.15 18.14 -29.79
C SER A 487 -13.50 16.92 -30.42
N VAL A 488 -12.17 16.93 -30.59
CA VAL A 488 -11.50 15.76 -31.17
C VAL A 488 -11.65 14.59 -30.22
N LEU A 489 -11.45 14.84 -28.94
CA LEU A 489 -11.63 13.79 -27.93
C LEU A 489 -13.09 13.35 -27.83
N ALA A 490 -14.04 14.31 -27.89
CA ALA A 490 -15.47 13.94 -27.93
C ALA A 490 -15.84 13.04 -29.12
N ARG A 491 -15.24 13.29 -30.28
CA ARG A 491 -15.43 12.41 -31.45
C ARG A 491 -14.88 11.00 -31.23
N ALA A 492 -13.69 10.92 -30.64
CA ALA A 492 -13.11 9.62 -30.31
C ALA A 492 -14.03 8.86 -29.34
N ILE A 493 -14.50 9.55 -28.31
CA ILE A 493 -15.41 8.93 -27.32
C ILE A 493 -16.66 8.37 -28.01
N GLU A 494 -17.28 9.17 -28.88
CA GLU A 494 -18.50 8.71 -29.58
C GLU A 494 -18.26 7.47 -30.43
N ARG A 495 -17.06 7.36 -30.98
CA ARG A 495 -16.72 6.28 -31.90
C ARG A 495 -16.07 5.10 -31.19
N GLY A 496 -15.94 5.20 -29.88
CA GLY A 496 -15.32 4.15 -29.08
C GLY A 496 -13.85 3.90 -29.38
N ILE A 497 -13.11 4.97 -29.69
CA ILE A 497 -11.69 4.84 -30.04
C ILE A 497 -10.87 5.11 -28.78
N ASN A 498 -10.32 4.05 -28.19
CA ASN A 498 -9.59 4.15 -26.92
C ASN A 498 -10.37 4.95 -25.87
N ALA A 499 -11.65 4.65 -25.71
CA ALA A 499 -12.50 5.34 -24.75
C ALA A 499 -13.47 4.32 -24.15
N PRO A 500 -12.92 3.25 -23.51
CA PRO A 500 -13.78 2.16 -23.00
C PRO A 500 -14.65 2.68 -21.85
N LEU A 501 -15.87 2.17 -21.72
CA LEU A 501 -16.76 2.59 -20.63
C LEU A 501 -16.37 1.87 -19.33
N ALA A 502 -16.38 2.60 -18.22
CA ALA A 502 -16.05 2.02 -16.93
C ALA A 502 -16.92 2.70 -15.88
N SER A 503 -17.53 1.90 -15.01
CA SER A 503 -18.32 2.44 -13.90
C SER A 503 -17.40 2.73 -12.70
N SER A 504 -16.44 3.65 -12.90
CA SER A 504 -15.32 3.80 -11.98
C SER A 504 -15.56 4.86 -10.90
N CYS A 505 -15.55 4.43 -9.63
CA CYS A 505 -15.69 5.39 -8.53
C CYS A 505 -14.42 6.27 -8.45
N GLY A 506 -13.26 5.71 -8.76
CA GLY A 506 -12.02 6.50 -8.74
C GLY A 506 -12.02 7.60 -9.78
N ARG A 507 -12.57 7.29 -10.97
CA ARG A 507 -12.61 8.30 -12.03
C ARG A 507 -13.66 9.38 -11.73
N LEU A 508 -14.72 9.02 -11.02
CA LEU A 508 -15.72 10.01 -10.60
C LEU A 508 -15.09 10.98 -9.61
N PHE A 509 -14.35 10.45 -8.62
CA PHE A 509 -13.55 11.34 -7.76
C PHE A 509 -12.70 12.30 -8.56
N ASP A 510 -11.99 11.78 -9.57
CA ASP A 510 -11.10 12.62 -10.36
C ASP A 510 -11.90 13.73 -11.08
N ALA A 511 -13.09 13.40 -11.57
CA ALA A 511 -13.92 14.39 -12.28
C ALA A 511 -14.27 15.53 -11.33
N VAL A 512 -14.65 15.17 -10.11
CA VAL A 512 -14.99 16.22 -9.11
C VAL A 512 -13.76 17.08 -8.73
N ALA A 513 -12.63 16.42 -8.47
CA ALA A 513 -11.35 17.11 -8.22
C ALA A 513 -11.00 18.03 -9.38
N ALA A 514 -11.20 17.56 -10.61
CA ALA A 514 -10.98 18.43 -11.78
C ALA A 514 -11.86 19.69 -11.73
N ALA A 515 -13.13 19.51 -11.40
CA ALA A 515 -14.08 20.63 -11.36
C ALA A 515 -13.73 21.63 -10.27
N LEU A 516 -13.16 21.15 -9.16
CA LEU A 516 -12.77 22.02 -8.04
C LEU A 516 -11.39 22.65 -8.18
N GLY A 517 -10.60 22.14 -9.11
CA GLY A 517 -9.21 22.59 -9.27
C GLY A 517 -8.27 22.23 -8.13
N CYS A 518 -8.55 21.15 -7.39
CA CYS A 518 -7.74 20.85 -6.20
C CYS A 518 -6.55 19.91 -6.46
N ALA A 519 -6.25 19.68 -7.74
CA ALA A 519 -5.10 18.87 -8.13
C ALA A 519 -4.42 19.46 -9.37
N PRO A 520 -3.11 19.13 -9.59
CA PRO A 520 -2.46 19.54 -10.85
C PRO A 520 -3.21 18.98 -12.05
N ALA A 521 -3.14 19.67 -13.18
CA ALA A 521 -3.85 19.27 -14.39
C ALA A 521 -3.45 17.86 -14.84
N THR A 522 -2.15 17.56 -14.74
CA THR A 522 -1.67 16.18 -14.89
C THR A 522 -1.07 15.69 -13.56
N LEU A 523 -1.44 14.48 -13.15
CA LEU A 523 -1.04 13.94 -11.86
C LEU A 523 0.37 13.38 -11.92
N SER A 524 1.04 13.33 -10.76
CA SER A 524 2.40 12.75 -10.68
C SER A 524 2.37 11.39 -10.00
N TYR A 525 1.23 11.03 -9.42
CA TYR A 525 1.05 9.70 -8.87
C TYR A 525 -0.41 9.26 -8.83
N GLU A 526 -0.63 7.95 -8.89
CA GLU A 526 -1.97 7.35 -8.93
C GLU A 526 -2.74 7.61 -7.63
N GLY A 527 -3.97 8.11 -7.79
CA GLY A 527 -4.81 8.44 -6.64
C GLY A 527 -4.60 9.85 -6.12
N GLU A 528 -3.72 10.62 -6.76
CA GLU A 528 -3.36 11.96 -6.28
C GLU A 528 -4.57 12.89 -6.19
N ALA A 529 -5.41 12.89 -7.23
CA ALA A 529 -6.57 13.80 -7.22
C ALA A 529 -7.58 13.41 -6.12
N ALA A 530 -7.79 12.11 -5.96
CA ALA A 530 -8.74 11.59 -4.99
C ALA A 530 -8.31 11.92 -3.57
N CYS A 531 -7.02 11.75 -3.27
CA CYS A 531 -6.49 12.03 -1.94
C CYS A 531 -6.58 13.53 -1.63
N ALA A 532 -6.29 14.36 -2.62
CA ALA A 532 -6.42 15.82 -2.53
C ALA A 532 -7.85 16.25 -2.22
N LEU A 533 -8.80 15.64 -2.93
CA LEU A 533 -10.24 15.95 -2.73
C LEU A 533 -10.68 15.51 -1.34
N GLU A 534 -10.24 14.33 -0.90
CA GLU A 534 -10.59 13.87 0.45
C GLU A 534 -10.01 14.80 1.51
N ALA A 535 -8.75 15.21 1.35
CA ALA A 535 -8.09 16.07 2.35
C ALA A 535 -8.83 17.41 2.47
N LEU A 536 -9.26 17.93 1.34
CA LEU A 536 -10.04 19.16 1.26
C LEU A 536 -11.38 18.99 1.99
N ALA A 537 -12.08 17.90 1.67
CA ALA A 537 -13.39 17.64 2.26
C ALA A 537 -13.28 17.45 3.78
N ALA A 538 -12.19 16.80 4.21
CA ALA A 538 -12.01 16.49 5.63
C ALA A 538 -11.88 17.72 6.53
N SER A 539 -11.56 18.87 5.94
CA SER A 539 -11.45 20.13 6.70
C SER A 539 -12.83 20.76 6.96
N CYS A 540 -13.86 20.18 6.36
CA CYS A 540 -15.25 20.55 6.61
C CYS A 540 -15.87 19.61 7.65
N ASP A 541 -16.50 20.18 8.68
CA ASP A 541 -17.11 19.38 9.77
C ASP A 541 -18.55 18.98 9.48
N GLY A 542 -19.02 19.20 8.26
CA GLY A 542 -20.36 18.85 7.87
C GLY A 542 -21.08 20.13 7.54
N VAL A 543 -21.98 20.07 6.56
CA VAL A 543 -22.71 21.25 6.11
C VAL A 543 -24.07 20.81 5.60
N THR A 544 -25.05 21.70 5.73
CA THR A 544 -26.35 21.53 5.12
C THR A 544 -26.26 21.88 3.65
N HIS A 545 -26.65 20.95 2.79
CA HIS A 545 -26.45 21.16 1.35
C HIS A 545 -27.52 20.38 0.60
N PRO A 546 -27.82 20.79 -0.65
CA PRO A 546 -28.89 20.15 -1.45
C PRO A 546 -28.42 19.09 -2.43
N VAL A 547 -27.16 18.70 -2.39
CA VAL A 547 -26.61 17.78 -3.40
C VAL A 547 -26.99 16.32 -3.12
N THR A 548 -27.45 15.60 -4.16
CA THR A 548 -27.91 14.23 -4.01
C THR A 548 -27.42 13.40 -5.19
N MET A 549 -27.44 12.07 -5.01
CA MET A 549 -27.33 11.09 -6.09
C MET A 549 -28.51 10.14 -6.00
N PRO A 550 -29.63 10.51 -6.63
CA PRO A 550 -30.85 9.69 -6.61
C PRO A 550 -30.59 8.35 -7.29
N ARG A 551 -31.49 7.41 -7.04
CA ARG A 551 -31.40 6.05 -7.56
C ARG A 551 -32.36 6.00 -8.74
N VAL A 552 -31.88 5.62 -9.92
CA VAL A 552 -32.76 5.40 -11.04
C VAL A 552 -32.56 3.96 -11.44
N ASP A 553 -33.58 3.17 -11.09
CA ASP A 553 -33.57 1.74 -11.20
C ASP A 553 -32.50 1.26 -10.20
N ASN A 554 -31.40 0.73 -10.72
N ASN A 554 -31.40 0.75 -10.73
CA ASN A 554 -30.33 0.25 -9.87
CA ASN A 554 -30.32 0.19 -9.93
C ASN A 554 -29.02 0.98 -10.12
C ASN A 554 -29.02 1.00 -10.07
N GLN A 555 -29.13 2.23 -10.59
CA GLN A 555 -27.96 3.07 -10.79
C GLN A 555 -28.09 4.43 -10.13
N LEU A 556 -26.96 5.07 -9.86
CA LEU A 556 -26.98 6.44 -9.35
C LEU A 556 -27.17 7.38 -10.51
N ASP A 557 -28.03 8.37 -10.27
CA ASP A 557 -28.45 9.37 -11.25
C ASP A 557 -27.48 10.55 -11.21
N LEU A 558 -26.43 10.47 -12.03
CA LEU A 558 -25.38 11.47 -12.02
C LEU A 558 -25.79 12.75 -12.74
N ALA A 559 -26.76 12.69 -13.65
CA ALA A 559 -27.30 13.94 -14.23
C ALA A 559 -27.88 14.86 -13.16
N THR A 560 -28.63 14.28 -12.21
CA THR A 560 -29.14 15.09 -11.08
C THR A 560 -28.01 15.57 -10.18
N PHE A 561 -27.09 14.67 -9.85
CA PHE A 561 -25.93 15.06 -9.06
C PHE A 561 -25.18 16.28 -9.64
N TRP A 562 -24.83 16.21 -10.92
CA TRP A 562 -24.04 17.28 -11.51
C TRP A 562 -24.85 18.56 -11.54
N GLN A 563 -26.12 18.45 -11.87
CA GLN A 563 -26.95 19.67 -11.92
C GLN A 563 -26.97 20.36 -10.54
N GLN A 564 -27.17 19.57 -9.48
CA GLN A 564 -27.22 20.14 -8.13
C GLN A 564 -25.86 20.61 -7.66
N TRP A 565 -24.83 19.81 -7.91
CA TRP A 565 -23.51 20.12 -7.42
C TRP A 565 -22.88 21.32 -8.14
N LEU A 566 -23.00 21.36 -9.46
CA LEU A 566 -22.45 22.50 -10.24
C LEU A 566 -23.14 23.82 -9.88
N ASN A 567 -24.40 23.75 -9.46
CA ASN A 567 -25.18 24.96 -9.14
C ASN A 567 -25.28 25.27 -7.64
N TRP A 568 -24.53 24.50 -6.83
CA TRP A 568 -24.46 24.80 -5.39
C TRP A 568 -23.15 25.47 -5.04
N GLN A 569 -23.13 26.80 -5.12
CA GLN A 569 -21.94 27.56 -4.78
C GLN A 569 -21.72 27.51 -3.28
N ALA A 570 -20.47 27.28 -2.90
CA ALA A 570 -20.04 27.20 -1.52
C ALA A 570 -18.52 27.16 -1.51
N PRO A 571 -17.90 27.38 -0.34
CA PRO A 571 -16.47 27.23 -0.17
C PRO A 571 -16.06 25.84 -0.66
N VAL A 572 -14.90 25.73 -1.30
N VAL A 572 -14.88 25.77 -1.26
CA VAL A 572 -14.50 24.46 -1.93
CA VAL A 572 -14.38 24.55 -1.90
C VAL A 572 -14.47 23.27 -0.98
C VAL A 572 -14.48 23.33 -0.97
N ASN A 573 -14.13 23.49 0.29
CA ASN A 573 -14.14 22.36 1.23
C ASN A 573 -15.54 21.80 1.47
N GLN A 574 -16.54 22.69 1.50
CA GLN A 574 -17.93 22.27 1.59
C GLN A 574 -18.42 21.53 0.34
N ARG A 575 -18.03 22.01 -0.84
CA ARG A 575 -18.36 21.35 -2.11
C ARG A 575 -17.79 19.94 -2.14
N ALA A 576 -16.56 19.81 -1.62
CA ALA A 576 -15.88 18.49 -1.58
C ALA A 576 -16.60 17.58 -0.62
N TRP A 577 -16.97 18.12 0.55
CA TRP A 577 -17.70 17.36 1.56
C TRP A 577 -19.07 16.92 1.04
N ALA A 578 -19.78 17.84 0.39
CA ALA A 578 -21.09 17.52 -0.21
C ALA A 578 -21.03 16.36 -1.20
N PHE A 579 -19.98 16.32 -2.02
CA PHE A 579 -19.78 15.17 -2.91
C PHE A 579 -19.66 13.84 -2.18
N HIS A 580 -18.78 13.78 -1.19
CA HIS A 580 -18.61 12.53 -0.41
C HIS A 580 -19.94 12.12 0.23
N ASP A 581 -20.65 13.09 0.80
CA ASP A 581 -21.88 12.85 1.53
C ASP A 581 -23.00 12.36 0.58
N ALA A 582 -23.11 13.00 -0.60
CA ALA A 582 -24.11 12.60 -1.58
C ALA A 582 -23.84 11.21 -2.17
N LEU A 583 -22.58 10.93 -2.46
CA LEU A 583 -22.14 9.62 -2.95
C LEU A 583 -22.42 8.52 -1.92
N ALA A 584 -22.07 8.78 -0.66
CA ALA A 584 -22.37 7.82 0.43
C ALA A 584 -23.87 7.57 0.60
N GLN A 585 -24.66 8.63 0.58
CA GLN A 585 -26.12 8.48 0.74
C GLN A 585 -26.73 7.69 -0.40
N GLY A 586 -26.24 7.95 -1.63
CA GLY A 586 -26.74 7.30 -2.83
C GLY A 586 -26.43 5.81 -2.84
N PHE A 587 -25.19 5.46 -2.56
CA PHE A 587 -24.82 4.05 -2.43
C PHE A 587 -25.58 3.39 -1.28
N ALA A 588 -25.77 4.09 -0.16
CA ALA A 588 -26.52 3.51 0.97
C ALA A 588 -27.96 3.18 0.58
N ALA A 589 -28.60 4.06 -0.20
CA ALA A 589 -29.98 3.81 -0.64
C ALA A 589 -30.08 2.57 -1.57
N LEU A 590 -29.13 2.43 -2.49
CA LEU A 590 -29.05 1.27 -3.35
C LEU A 590 -28.87 0.00 -2.50
N MET A 591 -27.96 0.05 -1.53
CA MET A 591 -27.65 -1.16 -0.73
C MET A 591 -28.81 -1.56 0.17
N ARG A 592 -29.48 -0.56 0.73
CA ARG A 592 -30.62 -0.79 1.60
C ARG A 592 -31.74 -1.50 0.84
N GLU A 593 -32.03 -1.04 -0.37
CA GLU A 593 -33.06 -1.69 -1.17
C GLU A 593 -32.69 -3.14 -1.49
N GLN A 594 -31.46 -3.34 -1.98
CA GLN A 594 -31.02 -4.67 -2.39
C GLN A 594 -30.95 -5.65 -1.25
N ALA A 595 -30.47 -5.19 -0.09
CA ALA A 595 -30.33 -6.08 1.07
C ALA A 595 -31.68 -6.37 1.73
N THR A 596 -32.47 -5.33 1.96
CA THR A 596 -33.72 -5.51 2.72
C THR A 596 -34.64 -6.46 1.96
N MET A 597 -34.68 -6.31 0.63
CA MET A 597 -35.62 -7.14 -0.15
C MET A 597 -35.09 -8.57 -0.41
N ARG A 598 -33.86 -8.82 0.01
CA ARG A 598 -33.28 -10.17 0.00
C ARG A 598 -33.11 -10.80 1.38
N GLY A 599 -33.54 -10.07 2.41
CA GLY A 599 -33.42 -10.56 3.79
C GLY A 599 -31.99 -10.63 4.32
N ILE A 600 -31.12 -9.77 3.78
CA ILE A 600 -29.72 -9.70 4.16
C ILE A 600 -29.49 -8.59 5.20
N THR A 601 -28.75 -8.90 6.25
CA THR A 601 -28.57 -7.97 7.35
C THR A 601 -27.16 -7.43 7.43
N THR A 602 -26.26 -7.96 6.59
CA THR A 602 -24.86 -7.62 6.66
C THR A 602 -24.38 -7.03 5.34
N LEU A 603 -23.65 -5.92 5.43
CA LEU A 603 -23.05 -5.25 4.29
C LEU A 603 -21.53 -5.28 4.37
N VAL A 604 -20.90 -5.45 3.21
CA VAL A 604 -19.43 -5.52 3.07
C VAL A 604 -18.95 -4.36 2.20
N PHE A 605 -17.77 -3.82 2.51
CA PHE A 605 -17.21 -2.67 1.74
C PHE A 605 -15.77 -2.97 1.44
N SER A 606 -15.38 -2.80 0.18
CA SER A 606 -13.98 -3.06 -0.18
C SER A 606 -13.60 -2.34 -1.47
N GLY A 607 -12.36 -2.51 -1.92
CA GLY A 607 -11.83 -1.68 -3.03
C GLY A 607 -11.02 -0.52 -2.48
N GLY A 608 -10.07 -0.02 -3.25
CA GLY A 608 -9.14 0.98 -2.71
C GLY A 608 -9.80 2.32 -2.33
N VAL A 609 -10.93 2.64 -2.95
CA VAL A 609 -11.65 3.87 -2.61
C VAL A 609 -12.13 3.84 -1.13
N ILE A 610 -12.31 2.64 -0.60
CA ILE A 610 -12.77 2.46 0.79
C ILE A 610 -11.68 2.84 1.81
N HIS A 611 -10.47 3.07 1.34
CA HIS A 611 -9.45 3.70 2.19
C HIS A 611 -9.83 5.14 2.56
N ASN A 612 -10.80 5.72 1.83
CA ASN A 612 -11.26 7.08 2.12
C ASN A 612 -12.04 7.10 3.45
N ARG A 613 -11.46 7.77 4.46
CA ARG A 613 -12.03 7.79 5.80
C ARG A 613 -13.35 8.54 5.88
N LEU A 614 -13.47 9.61 5.10
CA LEU A 614 -14.70 10.38 5.13
C LEU A 614 -15.83 9.56 4.51
N LEU A 615 -15.55 8.93 3.37
CA LEU A 615 -16.57 8.11 2.73
C LEU A 615 -17.00 6.98 3.66
N ARG A 616 -16.04 6.31 4.30
CA ARG A 616 -16.39 5.27 5.28
C ARG A 616 -17.28 5.80 6.39
N ALA A 617 -16.95 6.97 6.92
CA ALA A 617 -17.73 7.58 8.00
C ALA A 617 -19.16 7.91 7.57
N ARG A 618 -19.31 8.49 6.37
CA ARG A 618 -20.65 8.80 5.86
C ARG A 618 -21.47 7.54 5.58
N LEU A 619 -20.84 6.54 4.95
CA LEU A 619 -21.50 5.25 4.75
C LEU A 619 -22.03 4.66 6.06
N ALA A 620 -21.21 4.69 7.09
CA ALA A 620 -21.58 4.13 8.40
C ALA A 620 -22.73 4.93 9.04
N HIS A 621 -22.71 6.25 8.83
CA HIS A 621 -23.79 7.14 9.25
C HIS A 621 -25.11 6.79 8.61
N TYR A 622 -25.09 6.50 7.31
CA TYR A 622 -26.32 6.22 6.57
C TYR A 622 -26.86 4.79 6.72
N LEU A 623 -26.04 3.89 7.25
CA LEU A 623 -26.36 2.47 7.24
C LEU A 623 -26.31 1.88 8.64
N ALA A 624 -26.76 2.66 9.63
CA ALA A 624 -26.78 2.17 11.01
C ALA A 624 -27.82 1.05 11.26
N ASP A 625 -28.69 0.80 10.28
CA ASP A 625 -29.67 -0.28 10.33
C ASP A 625 -29.11 -1.63 9.79
N PHE A 626 -27.79 -1.71 9.57
CA PHE A 626 -27.13 -2.95 9.11
C PHE A 626 -25.85 -3.23 9.88
N THR A 627 -25.43 -4.49 9.93
CA THR A 627 -24.09 -4.83 10.37
C THR A 627 -23.11 -4.51 9.23
N LEU A 628 -22.05 -3.74 9.52
CA LEU A 628 -21.15 -3.25 8.47
C LEU A 628 -19.76 -3.85 8.64
N LEU A 629 -19.24 -4.43 7.56
CA LEU A 629 -17.88 -5.00 7.58
C LEU A 629 -16.96 -4.16 6.69
N PHE A 630 -15.96 -3.52 7.31
CA PHE A 630 -14.92 -2.78 6.58
C PHE A 630 -13.55 -3.46 6.77
N PRO A 631 -12.65 -3.36 5.77
CA PRO A 631 -11.30 -3.93 5.91
C PRO A 631 -10.52 -3.21 7.04
N GLN A 632 -9.56 -3.90 7.67
CA GLN A 632 -8.79 -3.31 8.77
C GLN A 632 -7.39 -3.89 8.88
N SER A 633 -7.28 -5.22 9.01
CA SER A 633 -5.93 -5.83 9.12
C SER A 633 -5.26 -6.13 7.77
N LEU A 634 -6.06 -6.15 6.69
CA LEU A 634 -5.54 -6.24 5.31
C LEU A 634 -5.99 -4.98 4.56
N PRO A 635 -5.21 -4.52 3.56
CA PRO A 635 -5.57 -3.34 2.79
C PRO A 635 -6.91 -3.50 2.07
N ALA A 636 -7.71 -2.45 2.00
CA ALA A 636 -8.95 -2.46 1.25
C ALA A 636 -8.66 -2.57 -0.27
N GLY A 637 -7.50 -2.06 -0.66
CA GLY A 637 -7.10 -2.03 -2.05
C GLY A 637 -6.49 -3.34 -2.54
N ASP A 638 -5.77 -3.24 -3.64
CA ASP A 638 -5.29 -4.42 -4.35
C ASP A 638 -4.32 -5.28 -3.55
N GLY A 639 -3.73 -4.72 -2.49
CA GLY A 639 -2.79 -5.50 -1.64
C GLY A 639 -3.49 -6.67 -0.94
N GLY A 640 -4.81 -6.61 -0.86
CA GLY A 640 -5.60 -7.69 -0.21
C GLY A 640 -6.21 -8.68 -1.19
N LEU A 641 -6.09 -8.41 -2.48
CA LEU A 641 -6.81 -9.16 -3.51
C LEU A 641 -6.53 -10.66 -3.50
N SER A 642 -5.26 -11.02 -3.31
CA SER A 642 -4.87 -12.42 -3.35
C SER A 642 -5.58 -13.25 -2.26
N LEU A 643 -5.84 -12.65 -1.10
CA LEU A 643 -6.56 -13.39 -0.05
C LEU A 643 -7.98 -13.74 -0.46
N GLY A 644 -8.63 -12.75 -1.09
CA GLY A 644 -9.97 -12.92 -1.66
C GLY A 644 -10.00 -14.02 -2.72
N GLN A 645 -9.02 -14.03 -3.63
CA GLN A 645 -8.94 -15.13 -4.64
C GLN A 645 -8.80 -16.49 -3.94
N GLY A 646 -7.95 -16.54 -2.91
CA GLY A 646 -7.68 -17.77 -2.17
C GLY A 646 -8.91 -18.34 -1.47
N VAL A 647 -9.67 -17.49 -0.78
CA VAL A 647 -10.88 -18.01 -0.11
C VAL A 647 -11.97 -18.45 -1.08
N ILE A 648 -12.09 -17.76 -2.22
CA ILE A 648 -13.05 -18.16 -3.26
C ILE A 648 -12.68 -19.51 -3.88
N ALA A 649 -11.43 -19.65 -4.31
CA ALA A 649 -10.93 -20.94 -4.80
C ALA A 649 -11.16 -22.04 -3.77
N ALA A 650 -10.86 -21.76 -2.50
CA ALA A 650 -11.01 -22.77 -1.44
C ALA A 650 -12.48 -23.17 -1.29
N ALA A 651 -13.36 -22.18 -1.30
CA ALA A 651 -14.79 -22.43 -1.13
C ALA A 651 -15.37 -23.24 -2.27
N ARG A 652 -14.94 -22.91 -3.49
N ARG A 652 -14.92 -22.97 -3.50
CA ARG A 652 -15.27 -23.70 -4.69
CA ARG A 652 -15.36 -23.74 -4.65
C ARG A 652 -14.87 -25.15 -4.46
C ARG A 652 -14.80 -25.17 -4.66
N TRP A 653 -13.60 -25.35 -4.12
CA TRP A 653 -13.06 -26.72 -3.94
C TRP A 653 -13.81 -27.48 -2.82
N LEU A 654 -14.08 -26.78 -1.73
CA LEU A 654 -14.78 -27.41 -0.61
C LEU A 654 -16.19 -27.86 -0.98
N ALA A 655 -16.83 -27.11 -1.88
CA ALA A 655 -18.16 -27.51 -2.40
C ALA A 655 -18.12 -28.64 -3.43
N GLY A 656 -16.94 -29.13 -3.76
CA GLY A 656 -16.79 -30.21 -4.76
C GLY A 656 -17.08 -29.77 -6.18
N GLU A 657 -16.89 -28.48 -6.47
CA GLU A 657 -17.17 -27.95 -7.80
C GLU A 657 -16.31 -28.59 -8.87
ZN ZN B . 17.87 -7.81 20.60
ZN ZN C . 32.21 -11.37 17.24
ZN ZN D . -9.19 -2.98 -6.98
MG MG E . 4.37 17.08 18.58
PB ADP F . 7.87 6.55 1.04
O1B ADP F . 9.04 5.59 0.87
O2B ADP F . 6.76 5.95 1.90
O3B ADP F . 8.24 7.98 1.41
PA ADP F . 7.06 5.54 -1.57
O1A ADP F . 8.14 4.52 -1.37
O2A ADP F . 6.95 6.24 -2.91
O3A ADP F . 7.19 6.70 -0.44
O5' ADP F . 5.65 4.79 -1.27
C5' ADP F . 4.50 5.49 -0.79
C4' ADP F . 3.75 4.73 0.30
O4' ADP F . 3.92 5.39 1.56
C3' ADP F . 2.25 4.72 -0.01
O3' ADP F . 1.73 3.38 0.01
C2' ADP F . 1.58 5.50 1.09
O2' ADP F . 0.43 4.80 1.62
C1' ADP F . 2.66 5.72 2.16
N9 ADP F . 2.62 7.12 2.72
C8 ADP F . 3.68 7.82 3.19
N7 ADP F . 3.31 9.05 3.63
C5 ADP F . 1.96 9.15 3.44
C6 ADP F . 0.90 10.19 3.67
N6 ADP F . 1.18 11.39 4.21
N1 ADP F . -0.37 9.87 3.33
C2 ADP F . -0.72 8.68 2.77
N3 ADP F . 0.19 7.71 2.53
C4 ADP F . 1.51 7.88 2.84
PB ADP G . -7.63 -0.99 -8.67
O1B ADP G . -8.33 0.24 -9.18
O2B ADP G . -8.51 -2.17 -8.48
O3B ADP G . -6.43 -1.33 -9.54
PA ADP G . -7.41 -0.52 -5.76
O1A ADP G . -6.15 -0.61 -4.85
O2A ADP G . -8.64 -1.36 -5.53
O3A ADP G . -6.88 -0.63 -7.28
O5' ADP G . -7.92 1.02 -5.71
C5' ADP G . -6.97 2.08 -5.89
C4' ADP G . -7.72 3.26 -6.44
O4' ADP G . -8.61 3.76 -5.43
C3' ADP G . -6.82 4.45 -6.74
O3' ADP G . -6.21 4.33 -8.03
C2' ADP G . -7.81 5.58 -6.72
O2' ADP G . -8.56 5.43 -7.95
C1' ADP G . -8.73 5.18 -5.57
N9 ADP G . -8.43 5.90 -4.29
C8 ADP G . -7.31 5.81 -3.53
N7 ADP G . -7.39 6.61 -2.41
C5 ADP G . -8.61 7.22 -2.48
C6 ADP G . -9.36 8.19 -1.64
N6 ADP G . -8.80 8.67 -0.49
N1 ADP G . -10.60 8.57 -2.04
C2 ADP G . -11.15 8.08 -3.18
N3 ADP G . -10.53 7.21 -4.00
C4 ADP G . -9.28 6.75 -3.69
#